data_6Y92
#
_entry.id   6Y92
#
_cell.length_a   1.00
_cell.length_b   1.00
_cell.length_c   1.00
_cell.angle_alpha   90.00
_cell.angle_beta   90.00
_cell.angle_gamma   90.00
#
_symmetry.space_group_name_H-M   'P 1'
#
loop_
_entity.id
_entity.type
_entity.pdbx_description
1 polymer 'B-lymphocyte antigen CD20'
2 polymer 'Ofatumumab Fab light chain'
3 polymer 'Ofatumumab Fab heavy chain'
4 non-polymer 'CHOLESTEROL HEMISUCCINATE'
#
loop_
_entity_poly.entity_id
_entity_poly.type
_entity_poly.pdbx_seq_one_letter_code
_entity_poly.pdbx_strand_id
1 'polypeptide(L)'
;TQSFFMRESKTLGAVQIMNGLFHIALGGLLMIPAGIYAPICVTVWYPLWGGIMYIISGSLLAATEKNSRKCLVKGKMIMN
SLSLFAAISGMILSIMDILNIKISHFLKMESLNFIRAHTPYINIYNCEPANPSEKNSPSTQYCYSIQSLFLGILSVMLIF
AFFQELVIAGIVENEWKR
;
A,B
2 'polypeptide(L)'
;EIVLTQSPATLSLSPGERATLSCRASQSVSSYLAWYQQKPGQAPRLLIYDASNRATGIPARFSGSGSGTDFTLTISSLEP
EDFAVYYCQQRSNWPITFGQGTRLEIKRTVAAPSVFIFPPSDEQLKSGTASVVCLLNNFYPREAKVQWKVDNALQSGNSQ
ESVTEQDSKDSTYSLSSTLTLSKADYEKHKVYACEVTHQGLSSPVTKSFNR
;
D,L
3 'polypeptide(L)'
;EVQLVESGGGLVQPGRSLRLSCAASGFTFNDYAMHWVRQAPGKGLEWVSTISWNSGSIGYADSVKGRFTISRDNAKKSLY
LQMNSLRAEDTALYYCAKDIQYGNYYYGMDVWGQGTTVTVSSASTKGPSVFPLAPGGTAALGCLVKDYFPEPVTVSWNSG
ALTSGVHTFPAVLQSSGLYSLSSVVTVPSSSLGTQTYICNVNHKPSNTKVDKKVEP
;
C,H
#
# COMPACT_ATOMS: atom_id res chain seq x y z
N THR A 1 36.75 42.70 -38.05
CA THR A 1 38.04 43.38 -37.89
C THR A 1 37.86 44.90 -37.82
N GLN A 2 36.61 45.34 -37.95
CA GLN A 2 36.30 46.76 -37.91
C GLN A 2 36.30 47.24 -36.46
N SER A 3 37.18 48.19 -36.15
CA SER A 3 37.30 48.73 -34.80
C SER A 3 36.32 49.89 -34.65
N PHE A 4 35.24 49.67 -33.91
CA PHE A 4 34.24 50.70 -33.68
C PHE A 4 33.74 50.77 -32.25
N PHE A 5 34.29 49.98 -31.33
CA PHE A 5 33.84 49.96 -29.95
C PHE A 5 34.88 50.50 -28.97
N MET A 6 36.07 50.86 -29.45
CA MET A 6 37.13 51.32 -28.56
C MET A 6 36.75 52.63 -27.87
N ARG A 7 36.18 53.58 -28.61
CA ARG A 7 35.86 54.88 -28.03
C ARG A 7 34.66 54.80 -27.09
N GLU A 8 33.78 53.84 -27.29
CA GLU A 8 32.57 53.68 -26.48
C GLU A 8 32.58 52.37 -25.72
N SER A 9 33.73 52.03 -25.13
CA SER A 9 33.89 50.79 -24.39
C SER A 9 33.55 50.92 -22.91
N LYS A 10 33.09 52.10 -22.47
CA LYS A 10 32.77 52.29 -21.06
C LYS A 10 31.62 51.39 -20.62
N THR A 11 30.57 51.30 -21.45
CA THR A 11 29.43 50.47 -21.09
C THR A 11 29.80 48.98 -21.06
N LEU A 12 30.65 48.54 -21.99
CA LEU A 12 30.99 47.14 -22.08
C LEU A 12 31.62 46.63 -20.78
N GLY A 13 32.53 47.41 -20.21
CA GLY A 13 33.09 47.07 -18.91
C GLY A 13 32.19 47.42 -17.75
N ALA A 14 31.28 48.39 -17.92
CA ALA A 14 30.37 48.75 -16.85
C ALA A 14 29.40 47.61 -16.55
N VAL A 15 28.91 46.92 -17.58
CA VAL A 15 27.95 45.84 -17.37
C VAL A 15 28.59 44.62 -16.72
N GLN A 16 29.92 44.52 -16.74
CA GLN A 16 30.58 43.31 -16.27
C GLN A 16 30.46 43.13 -14.76
N ILE A 17 30.49 44.23 -13.99
CA ILE A 17 30.37 44.12 -12.53
C ILE A 17 29.04 43.48 -12.15
N MET A 18 27.95 43.94 -12.75
CA MET A 18 26.65 43.40 -12.43
C MET A 18 26.36 42.09 -13.16
N ASN A 19 27.09 41.79 -14.24
CA ASN A 19 27.06 40.44 -14.80
C ASN A 19 27.66 39.44 -13.82
N GLY A 20 28.79 39.79 -13.21
CA GLY A 20 29.34 38.96 -12.15
C GLY A 20 28.42 38.86 -10.95
N LEU A 21 27.71 39.95 -10.65
CA LEU A 21 26.68 39.90 -9.62
C LEU A 21 25.60 38.87 -9.95
N PHE A 22 25.13 38.87 -11.21
CA PHE A 22 24.19 37.85 -11.65
C PHE A 22 24.77 36.45 -11.52
N HIS A 23 26.04 36.28 -11.89
CA HIS A 23 26.67 34.96 -11.82
C HIS A 23 26.69 34.45 -10.38
N ILE A 24 27.12 35.29 -9.44
CA ILE A 24 27.21 34.86 -8.05
C ILE A 24 25.82 34.65 -7.46
N ALA A 25 24.84 35.47 -7.87
CA ALA A 25 23.47 35.28 -7.39
C ALA A 25 22.90 33.94 -7.87
N LEU A 26 23.13 33.61 -9.14
CA LEU A 26 22.67 32.32 -9.66
C LEU A 26 23.38 31.16 -8.96
N GLY A 27 24.68 31.30 -8.72
CA GLY A 27 25.40 30.26 -8.01
C GLY A 27 24.86 30.03 -6.61
N GLY A 28 24.55 31.12 -5.90
CA GLY A 28 23.95 30.97 -4.58
C GLY A 28 22.55 30.38 -4.64
N LEU A 29 21.76 30.77 -5.64
CA LEU A 29 20.40 30.27 -5.76
C LEU A 29 20.38 28.78 -6.07
N LEU A 30 21.32 28.30 -6.89
CA LEU A 30 21.33 26.90 -7.30
C LEU A 30 21.76 25.95 -6.19
N MET A 31 22.20 26.46 -5.04
CA MET A 31 22.74 25.63 -3.97
C MET A 31 21.67 25.18 -2.97
N ILE A 32 20.42 25.11 -3.40
CA ILE A 32 19.34 24.59 -2.54
C ILE A 32 19.49 23.07 -2.49
N PRO A 33 19.18 22.43 -1.35
CA PRO A 33 19.22 20.96 -1.31
C PRO A 33 18.18 20.37 -2.25
N ALA A 34 18.65 19.53 -3.18
CA ALA A 34 17.77 19.02 -4.22
C ALA A 34 17.77 17.50 -4.34
N GLY A 35 18.92 16.86 -4.18
CA GLY A 35 18.98 15.43 -4.42
C GLY A 35 20.19 14.80 -3.75
N ILE A 36 20.42 13.53 -4.10
CA ILE A 36 21.51 12.78 -3.50
C ILE A 36 22.84 13.04 -4.20
N TYR A 37 22.87 13.07 -5.52
CA TYR A 37 24.10 13.29 -6.27
C TYR A 37 24.08 14.70 -6.84
N ALA A 38 24.94 15.56 -6.31
CA ALA A 38 25.00 16.94 -6.77
C ALA A 38 25.55 17.01 -8.19
N PRO A 39 25.15 18.02 -8.97
CA PRO A 39 25.70 18.18 -10.32
C PRO A 39 27.17 18.51 -10.28
N ILE A 40 27.77 18.54 -11.47
CA ILE A 40 29.20 18.81 -11.60
C ILE A 40 29.53 20.23 -11.15
N CYS A 41 28.60 21.18 -11.34
CA CYS A 41 28.85 22.57 -10.99
C CYS A 41 28.95 22.79 -9.49
N VAL A 42 28.58 21.81 -8.67
CA VAL A 42 28.61 22.00 -7.22
C VAL A 42 30.02 21.82 -6.67
N THR A 43 30.67 20.71 -7.02
CA THR A 43 31.98 20.40 -6.47
C THR A 43 33.11 21.24 -7.07
N VAL A 44 32.86 21.95 -8.16
CA VAL A 44 33.92 22.74 -8.78
C VAL A 44 33.96 24.18 -8.26
N TRP A 45 32.87 24.67 -7.66
CA TRP A 45 32.78 26.04 -7.16
C TRP A 45 33.07 27.06 -8.25
N TYR A 46 32.62 26.76 -9.47
CA TYR A 46 32.81 27.69 -10.58
C TYR A 46 32.13 29.03 -10.39
N PRO A 47 30.89 29.14 -9.89
CA PRO A 47 30.27 30.46 -9.78
C PRO A 47 31.09 31.46 -8.97
N LEU A 48 31.75 31.01 -7.90
CA LEU A 48 32.63 31.91 -7.16
C LEU A 48 33.77 32.41 -8.03
N TRP A 49 34.40 31.50 -8.78
CA TRP A 49 35.47 31.89 -9.69
C TRP A 49 35.00 32.94 -10.68
N GLY A 50 33.87 32.67 -11.34
CA GLY A 50 33.37 33.60 -12.34
C GLY A 50 33.02 34.95 -11.75
N GLY A 51 32.32 34.95 -10.62
CA GLY A 51 31.95 36.21 -9.99
C GLY A 51 33.15 37.04 -9.58
N ILE A 52 34.13 36.40 -8.94
CA ILE A 52 35.33 37.14 -8.51
C ILE A 52 36.10 37.66 -9.72
N MET A 53 36.28 36.81 -10.74
CA MET A 53 37.01 37.24 -11.93
C MET A 53 36.32 38.39 -12.64
N TYR A 54 34.99 38.42 -12.64
CA TYR A 54 34.28 39.50 -13.29
C TYR A 54 34.32 40.79 -12.47
N ILE A 55 34.16 40.68 -11.15
CA ILE A 55 34.15 41.89 -10.33
C ILE A 55 35.53 42.52 -10.27
N ILE A 56 36.59 41.71 -10.27
CA ILE A 56 37.93 42.31 -10.25
C ILE A 56 38.22 43.00 -11.58
N SER A 57 37.75 42.46 -12.70
CA SER A 57 37.89 43.14 -13.98
C SER A 57 37.12 44.45 -13.99
N GLY A 58 35.89 44.44 -13.47
CA GLY A 58 35.12 45.67 -13.36
C GLY A 58 35.81 46.71 -12.50
N SER A 59 36.45 46.28 -11.41
CA SER A 59 37.22 47.20 -10.59
C SER A 59 38.45 47.71 -11.35
N LEU A 60 39.06 46.87 -12.18
CA LEU A 60 40.20 47.31 -12.98
C LEU A 60 39.79 48.40 -13.96
N LEU A 61 38.63 48.27 -14.58
CA LEU A 61 38.18 49.26 -15.55
C LEU A 61 37.50 50.46 -14.89
N ALA A 62 37.72 50.69 -13.60
CA ALA A 62 37.13 51.85 -12.93
C ALA A 62 37.68 53.16 -13.48
N ALA A 63 38.99 53.22 -13.72
CA ALA A 63 39.66 54.44 -14.18
C ALA A 63 40.46 54.12 -15.44
N THR A 64 39.90 54.46 -16.60
CA THR A 64 40.59 54.22 -17.86
C THR A 64 41.72 55.22 -18.10
N GLU A 65 41.56 56.46 -17.62
CA GLU A 65 42.58 57.48 -17.85
C GLU A 65 43.86 57.12 -17.11
N LYS A 66 44.99 57.55 -17.68
CA LYS A 66 46.30 57.26 -17.13
C LYS A 66 46.47 57.97 -15.79
N ASN A 67 46.47 57.22 -14.70
CA ASN A 67 46.66 57.76 -13.36
C ASN A 67 47.94 57.27 -12.71
N SER A 68 48.18 55.96 -12.71
CA SER A 68 49.38 55.36 -12.14
C SER A 68 50.03 54.47 -13.19
N ARG A 69 51.13 53.82 -12.80
CA ARG A 69 51.89 52.96 -13.69
C ARG A 69 52.07 51.59 -13.08
N LYS A 70 52.20 50.59 -13.94
CA LYS A 70 52.47 49.18 -13.62
C LYS A 70 51.32 48.51 -12.87
N CYS A 71 50.21 49.20 -12.63
CA CYS A 71 49.06 48.60 -11.98
C CYS A 71 47.77 48.74 -12.78
N LEU A 72 47.56 49.88 -13.44
CA LEU A 72 46.39 50.09 -14.27
C LEU A 72 46.68 49.93 -15.76
N VAL A 73 47.93 49.61 -16.13
CA VAL A 73 48.29 49.47 -17.53
C VAL A 73 48.97 48.15 -17.86
N LYS A 74 49.58 47.46 -16.89
CA LYS A 74 50.29 46.21 -17.18
C LYS A 74 49.39 44.99 -17.03
N GLY A 75 48.44 45.01 -16.09
CA GLY A 75 47.61 43.84 -15.86
C GLY A 75 46.49 43.65 -16.85
N LYS A 76 46.36 44.56 -17.83
CA LYS A 76 45.25 44.47 -18.78
C LYS A 76 45.34 43.23 -19.67
N MET A 77 46.51 42.62 -19.78
CA MET A 77 46.65 41.40 -20.58
C MET A 77 46.48 40.14 -19.76
N ILE A 78 47.04 40.08 -18.55
CA ILE A 78 46.82 38.92 -17.68
C ILE A 78 45.36 38.82 -17.30
N MET A 79 44.71 39.97 -17.06
CA MET A 79 43.30 39.98 -16.70
C MET A 79 42.44 39.42 -17.81
N ASN A 80 42.65 39.89 -19.04
CA ASN A 80 41.87 39.39 -20.16
C ASN A 80 42.14 37.92 -20.43
N SER A 81 43.41 37.49 -20.31
CA SER A 81 43.73 36.09 -20.53
C SER A 81 43.05 35.19 -19.51
N LEU A 82 43.12 35.57 -18.22
CA LEU A 82 42.50 34.74 -17.20
C LEU A 82 40.98 34.74 -17.32
N SER A 83 40.39 35.89 -17.69
CA SER A 83 38.95 35.92 -17.90
C SER A 83 38.54 35.04 -19.06
N LEU A 84 39.31 35.06 -20.16
CA LEU A 84 38.99 34.21 -21.30
C LEU A 84 39.12 32.73 -20.95
N PHE A 85 40.17 32.37 -20.21
CA PHE A 85 40.34 30.98 -19.80
C PHE A 85 39.21 30.54 -18.87
N ALA A 86 38.80 31.41 -17.94
CA ALA A 86 37.69 31.09 -17.05
C ALA A 86 36.40 30.91 -17.84
N ALA A 87 36.15 31.76 -18.84
CA ALA A 87 34.96 31.59 -19.67
C ALA A 87 35.02 30.30 -20.47
N ILE A 88 36.21 29.95 -20.97
CA ILE A 88 36.38 28.71 -21.73
C ILE A 88 36.00 27.52 -20.86
N SER A 89 36.57 27.46 -19.66
CA SER A 89 36.18 26.42 -18.71
C SER A 89 34.69 26.50 -18.41
N GLY A 90 34.14 27.72 -18.38
CA GLY A 90 32.73 27.87 -18.08
C GLY A 90 31.84 27.15 -19.06
N MET A 91 32.01 27.43 -20.37
CA MET A 91 31.11 26.73 -21.28
C MET A 91 31.56 25.28 -21.52
N ILE A 92 32.80 24.92 -21.21
CA ILE A 92 33.18 23.51 -21.26
C ILE A 92 32.37 22.71 -20.24
N LEU A 93 32.37 23.18 -18.98
CA LEU A 93 31.53 22.54 -17.98
C LEU A 93 30.04 22.66 -18.31
N SER A 94 29.63 23.79 -18.91
CA SER A 94 28.22 23.96 -19.25
C SER A 94 27.76 22.91 -20.27
N ILE A 95 28.53 22.73 -21.34
CA ILE A 95 28.18 21.72 -22.33
C ILE A 95 28.27 20.33 -21.70
N MET A 96 29.22 20.12 -20.78
CA MET A 96 29.32 18.81 -20.12
C MET A 96 28.05 18.49 -19.34
N ASP A 97 27.57 19.44 -18.52
CA ASP A 97 26.38 19.15 -17.73
C ASP A 97 25.10 19.18 -18.56
N ILE A 98 25.11 19.84 -19.71
CA ILE A 98 23.92 19.79 -20.56
C ILE A 98 23.91 18.52 -21.43
N LEU A 99 25.05 17.87 -21.61
CA LEU A 99 25.06 16.60 -22.34
C LEU A 99 24.90 15.40 -21.42
N ASN A 100 25.35 15.49 -20.17
CA ASN A 100 25.29 14.33 -19.29
C ASN A 100 23.94 14.17 -18.59
N ILE A 101 22.99 15.07 -18.82
CA ILE A 101 21.71 15.01 -18.13
C ILE A 101 20.71 14.10 -18.85
N LYS A 102 20.80 14.00 -20.17
CA LYS A 102 19.89 13.16 -20.95
C LYS A 102 20.49 11.79 -21.25
N ILE A 103 21.74 11.55 -20.87
CA ILE A 103 22.39 10.27 -21.10
C ILE A 103 22.57 9.58 -19.76
N SER A 104 23.04 8.33 -19.77
CA SER A 104 23.17 7.54 -18.56
C SER A 104 24.24 8.15 -17.63
N HIS A 105 24.39 7.52 -16.46
CA HIS A 105 25.31 7.99 -15.45
C HIS A 105 26.74 8.00 -15.97
N PHE A 106 27.47 9.08 -15.68
CA PHE A 106 28.88 9.22 -16.06
C PHE A 106 29.79 9.26 -14.85
N LEU A 107 29.55 10.19 -13.92
CA LEU A 107 30.32 10.30 -12.69
C LEU A 107 29.35 10.54 -11.54
N LYS A 108 29.89 10.68 -10.33
CA LYS A 108 29.05 10.75 -9.13
C LYS A 108 28.89 12.16 -8.58
N MET A 109 29.97 12.93 -8.46
CA MET A 109 29.97 14.23 -7.78
C MET A 109 29.21 14.16 -6.46
N GLU A 110 29.74 13.37 -5.54
CA GLU A 110 29.09 13.19 -4.25
C GLU A 110 29.05 14.51 -3.48
N SER A 111 27.89 14.79 -2.88
CA SER A 111 27.68 16.04 -2.17
C SER A 111 28.31 15.99 -0.78
N LEU A 112 28.41 17.17 -0.15
CA LEU A 112 29.00 17.29 1.17
C LEU A 112 28.02 16.85 2.25
N ASN A 113 28.56 16.61 3.45
CA ASN A 113 27.78 15.97 4.51
C ASN A 113 26.75 16.92 5.12
N PHE A 114 27.05 18.22 5.17
CA PHE A 114 26.15 19.15 5.84
C PHE A 114 24.81 19.26 5.14
N ILE A 115 24.79 19.06 3.82
CA ILE A 115 23.54 19.06 3.06
C ILE A 115 23.08 17.61 2.93
N ARG A 116 23.98 16.67 3.19
CA ARG A 116 23.67 15.26 3.02
C ARG A 116 22.58 14.79 3.99
N ALA A 117 22.65 15.23 5.25
CA ALA A 117 21.70 14.73 6.24
C ALA A 117 20.29 15.25 5.97
N HIS A 118 20.16 16.40 5.33
CA HIS A 118 18.84 17.01 5.17
C HIS A 118 18.01 16.34 4.08
N THR A 119 18.64 15.85 3.00
CA THR A 119 17.93 15.29 1.85
C THR A 119 18.50 13.91 1.55
N PRO A 120 18.15 12.89 2.32
CA PRO A 120 18.68 11.55 2.08
C PRO A 120 17.84 10.70 1.13
N TYR A 121 16.56 11.02 0.98
CA TYR A 121 15.57 10.09 0.44
C TYR A 121 14.94 10.56 -0.88
N ILE A 122 15.76 11.09 -1.80
CA ILE A 122 15.27 11.40 -3.14
C ILE A 122 16.47 11.52 -4.07
N ASN A 123 16.29 11.07 -5.32
CA ASN A 123 17.34 11.09 -6.32
C ASN A 123 16.99 12.13 -7.38
N ILE A 124 18.04 12.73 -7.97
CA ILE A 124 17.85 13.83 -8.91
C ILE A 124 18.18 13.41 -10.34
N TYR A 125 19.08 12.43 -10.49
CA TYR A 125 19.49 12.03 -11.84
C TYR A 125 18.37 11.27 -12.55
N ASN A 126 17.69 10.39 -11.85
CA ASN A 126 16.62 9.60 -12.48
C ASN A 126 15.59 9.18 -11.44
N CYS A 127 14.31 9.36 -11.77
CA CYS A 127 13.21 8.82 -11.00
C CYS A 127 12.36 7.96 -11.92
N GLU A 128 12.11 6.72 -11.50
CA GLU A 128 11.35 5.78 -12.30
C GLU A 128 10.37 5.05 -11.40
N PRO A 129 9.14 4.80 -11.88
CA PRO A 129 8.19 4.04 -11.06
C PRO A 129 8.62 2.62 -10.78
N ALA A 130 9.56 2.07 -11.55
CA ALA A 130 10.01 0.68 -11.46
C ALA A 130 8.88 -0.32 -11.71
N ASN A 131 7.75 0.15 -12.23
CA ASN A 131 6.60 -0.69 -12.56
C ASN A 131 5.97 -0.21 -13.85
N PRO A 132 5.65 -1.13 -14.76
CA PRO A 132 5.01 -0.71 -16.03
C PRO A 132 3.69 0.00 -15.83
N SER A 133 2.93 -0.37 -14.81
CA SER A 133 1.63 0.24 -14.54
C SER A 133 1.83 1.52 -13.72
N GLU A 134 0.73 2.05 -13.18
CA GLU A 134 0.71 3.26 -12.34
C GLU A 134 1.55 4.38 -12.94
N LYS A 135 1.49 4.52 -14.27
CA LYS A 135 2.22 5.59 -14.93
C LYS A 135 1.67 6.97 -14.54
N ASN A 136 0.36 7.07 -14.35
CA ASN A 136 -0.26 8.32 -13.93
C ASN A 136 -0.28 8.49 -12.41
N SER A 137 0.89 8.29 -11.79
CA SER A 137 1.08 8.44 -10.36
C SER A 137 1.91 9.68 -10.08
N PRO A 138 1.68 10.35 -8.95
CA PRO A 138 2.49 11.55 -8.63
C PRO A 138 3.98 11.27 -8.59
N SER A 139 4.39 10.12 -8.03
CA SER A 139 5.81 9.82 -7.89
C SER A 139 6.50 9.65 -9.24
N THR A 140 5.74 9.50 -10.32
CA THR A 140 6.31 9.31 -11.65
C THR A 140 6.26 10.60 -12.47
N GLN A 141 5.10 11.22 -12.57
CA GLN A 141 4.92 12.44 -13.36
C GLN A 141 5.31 13.69 -12.61
N TYR A 142 5.78 13.56 -11.37
CA TYR A 142 5.98 14.69 -10.47
C TYR A 142 7.47 14.92 -10.22
N CYS A 143 8.29 14.64 -11.25
CA CYS A 143 9.68 15.04 -11.33
C CYS A 143 9.95 16.06 -12.43
N TYR A 144 9.05 16.13 -13.42
CA TYR A 144 9.31 16.91 -14.63
C TYR A 144 9.42 18.40 -14.35
N SER A 145 8.77 18.89 -13.29
CA SER A 145 8.88 20.30 -12.95
C SER A 145 10.31 20.69 -12.63
N ILE A 146 10.95 19.97 -11.71
CA ILE A 146 12.33 20.28 -11.38
C ILE A 146 13.26 19.89 -12.53
N GLN A 147 12.91 18.86 -13.29
CA GLN A 147 13.73 18.50 -14.45
C GLN A 147 13.80 19.66 -15.44
N SER A 148 12.64 20.23 -15.78
CA SER A 148 12.60 21.36 -16.70
C SER A 148 13.23 22.61 -16.08
N LEU A 149 13.07 22.79 -14.77
CA LEU A 149 13.69 23.93 -14.10
C LEU A 149 15.21 23.86 -14.21
N PHE A 150 15.78 22.69 -13.94
CA PHE A 150 17.23 22.52 -14.05
C PHE A 150 17.68 22.68 -15.49
N LEU A 151 16.92 22.13 -16.44
CA LEU A 151 17.29 22.28 -17.85
C LEU A 151 17.32 23.74 -18.26
N GLY A 152 16.30 24.51 -17.85
CA GLY A 152 16.26 25.92 -18.19
C GLY A 152 17.35 26.72 -17.51
N ILE A 153 17.64 26.41 -16.24
CA ILE A 153 18.72 27.09 -15.54
C ILE A 153 20.05 26.85 -16.24
N LEU A 154 20.31 25.60 -16.62
CA LEU A 154 21.56 25.28 -17.30
C LEU A 154 21.63 25.94 -18.67
N SER A 155 20.50 26.00 -19.39
CA SER A 155 20.48 26.62 -20.71
C SER A 155 20.76 28.12 -20.62
N VAL A 156 20.11 28.81 -19.68
CA VAL A 156 20.33 30.25 -19.54
C VAL A 156 21.75 30.51 -19.05
N MET A 157 22.28 29.64 -18.18
CA MET A 157 23.67 29.77 -17.75
C MET A 157 24.62 29.67 -18.93
N LEU A 158 24.40 28.68 -19.80
CA LEU A 158 25.25 28.52 -20.97
C LEU A 158 25.14 29.73 -21.91
N ILE A 159 23.91 30.22 -22.12
CA ILE A 159 23.73 31.35 -23.04
C ILE A 159 24.43 32.60 -22.53
N PHE A 160 24.27 32.89 -21.24
CA PHE A 160 24.89 34.09 -20.69
C PHE A 160 26.41 33.94 -20.60
N ALA A 161 26.90 32.73 -20.31
CA ALA A 161 28.34 32.51 -20.34
C ALA A 161 28.91 32.72 -21.74
N PHE A 162 28.18 32.25 -22.77
CA PHE A 162 28.61 32.46 -24.14
C PHE A 162 28.63 33.95 -24.49
N PHE A 163 27.60 34.69 -24.07
CA PHE A 163 27.58 36.13 -24.34
C PHE A 163 28.73 36.85 -23.65
N GLN A 164 28.99 36.50 -22.39
CA GLN A 164 30.09 37.12 -21.65
C GLN A 164 31.44 36.79 -22.29
N GLU A 165 31.62 35.53 -22.72
CA GLU A 165 32.83 35.16 -23.42
C GLU A 165 32.98 35.93 -24.73
N LEU A 166 31.87 36.12 -25.46
CA LEU A 166 31.94 36.85 -26.72
C LEU A 166 32.37 38.29 -26.49
N VAL A 167 31.78 38.96 -25.50
CA VAL A 167 32.14 40.36 -25.27
C VAL A 167 33.57 40.48 -24.77
N ILE A 168 34.01 39.54 -23.92
CA ILE A 168 35.39 39.58 -23.44
C ILE A 168 36.37 39.30 -24.57
N ALA A 169 36.01 38.38 -25.48
CA ALA A 169 36.87 38.11 -26.63
C ALA A 169 36.97 39.33 -27.52
N GLY A 170 35.86 40.03 -27.73
CA GLY A 170 35.92 41.28 -28.48
C GLY A 170 36.80 42.32 -27.82
N ILE A 171 36.70 42.44 -26.48
CA ILE A 171 37.50 43.42 -25.76
C ILE A 171 38.98 43.10 -25.87
N VAL A 172 39.34 41.83 -25.69
CA VAL A 172 40.76 41.45 -25.74
C VAL A 172 41.29 41.55 -27.17
N GLU A 173 40.46 41.25 -28.18
CA GLU A 173 40.89 41.41 -29.56
C GLU A 173 41.07 42.87 -29.92
N ASN A 174 40.32 43.76 -29.26
CA ASN A 174 40.54 45.19 -29.45
C ASN A 174 41.93 45.61 -28.97
N GLU A 175 42.39 45.02 -27.86
CA GLU A 175 43.67 45.41 -27.29
C GLU A 175 44.83 44.99 -28.20
N TRP A 176 44.84 43.74 -28.66
CA TRP A 176 45.93 43.20 -29.45
C TRP A 176 45.42 42.74 -30.81
N LYS A 177 46.17 43.07 -31.86
CA LYS A 177 45.85 42.64 -33.22
C LYS A 177 46.64 41.37 -33.52
N ARG A 178 45.93 40.27 -33.69
CA ARG A 178 46.58 38.99 -33.98
C ARG A 178 46.72 38.78 -35.49
N GLU B 1 -3.92 -2.08 19.31
CA GLU B 1 -2.86 -1.10 19.48
C GLU B 1 -3.22 -0.08 20.55
N ILE B 2 -3.53 1.14 20.12
CA ILE B 2 -3.90 2.22 21.04
C ILE B 2 -5.32 1.98 21.52
N VAL B 3 -5.51 2.02 22.84
CA VAL B 3 -6.81 1.82 23.47
C VAL B 3 -7.11 3.02 24.35
N LEU B 4 -8.34 3.53 24.25
CA LEU B 4 -8.78 4.70 25.00
C LEU B 4 -9.73 4.28 26.12
N THR B 5 -9.52 4.85 27.30
CA THR B 5 -10.41 4.67 28.44
C THR B 5 -11.10 5.99 28.76
N GLN B 6 -12.35 5.90 29.21
CA GLN B 6 -13.17 7.07 29.46
C GLN B 6 -13.63 7.08 30.91
N SER B 7 -13.99 8.28 31.37
CA SER B 7 -14.52 8.43 32.72
C SER B 7 -15.85 7.71 32.85
N PRO B 8 -16.18 7.21 34.04
CA PRO B 8 -17.46 6.53 34.22
C PRO B 8 -18.63 7.44 33.90
N ALA B 9 -19.66 6.87 33.29
CA ALA B 9 -20.82 7.62 32.85
C ALA B 9 -21.86 7.68 33.99
N THR B 10 -23.07 8.13 33.67
CA THR B 10 -24.16 8.28 34.63
C THR B 10 -23.73 9.13 35.83
N LEU B 11 -22.99 10.20 35.54
CA LEU B 11 -22.54 11.11 36.58
C LEU B 11 -23.72 11.93 37.11
N SER B 12 -23.83 12.02 38.42
CA SER B 12 -24.89 12.79 39.06
C SER B 12 -24.54 14.28 38.98
N LEU B 13 -25.25 15.01 38.13
CA LEU B 13 -25.00 16.43 37.91
C LEU B 13 -26.19 17.21 38.45
N SER B 14 -25.99 17.86 39.60
CA SER B 14 -27.00 18.74 40.15
C SER B 14 -27.12 20.01 39.29
N PRO B 15 -28.29 20.65 39.28
CA PRO B 15 -28.45 21.85 38.46
C PRO B 15 -27.64 23.02 38.98
N GLY B 16 -26.32 22.93 38.86
CA GLY B 16 -25.43 23.99 39.32
C GLY B 16 -24.62 24.60 38.20
N GLU B 17 -23.30 24.61 38.36
CA GLU B 17 -22.42 25.20 37.37
C GLU B 17 -21.31 24.26 36.91
N ARG B 18 -20.78 23.43 37.80
CA ARG B 18 -19.63 22.60 37.49
C ARG B 18 -20.04 21.36 36.70
N ALA B 19 -19.25 21.05 35.66
CA ALA B 19 -19.48 19.85 34.87
C ALA B 19 -18.15 19.48 34.21
N THR B 20 -17.52 18.40 34.68
CA THR B 20 -16.20 18.03 34.23
C THR B 20 -16.10 16.50 34.11
N LEU B 21 -15.49 16.04 33.03
CA LEU B 21 -15.19 14.62 32.83
C LEU B 21 -13.78 14.51 32.26
N SER B 22 -13.35 13.29 31.98
CA SER B 22 -12.01 13.05 31.49
C SER B 22 -12.00 11.88 30.52
N CYS B 23 -10.96 11.84 29.69
CA CYS B 23 -10.74 10.75 28.74
C CYS B 23 -9.25 10.49 28.67
N ARG B 24 -8.81 9.35 29.20
CA ARG B 24 -7.40 9.03 29.32
C ARG B 24 -6.99 8.04 28.24
N ALA B 25 -5.66 7.85 28.12
CA ALA B 25 -5.09 6.93 27.16
C ALA B 25 -3.93 6.19 27.81
N SER B 26 -3.63 5.00 27.28
CA SER B 26 -2.54 4.21 27.83
C SER B 26 -1.19 4.72 27.34
N GLN B 27 -0.98 4.71 26.02
CA GLN B 27 0.26 5.23 25.45
C GLN B 27 0.15 6.75 25.27
N SER B 28 1.30 7.41 25.38
CA SER B 28 1.35 8.86 25.25
C SER B 28 0.91 9.30 23.86
N VAL B 29 -0.26 9.92 23.77
CA VAL B 29 -0.80 10.39 22.50
C VAL B 29 -0.20 11.76 22.17
N SER B 30 -0.39 12.20 20.93
CA SER B 30 0.11 13.49 20.52
C SER B 30 -0.66 14.63 21.20
N SER B 31 -0.16 15.85 21.03
CA SER B 31 -0.76 17.00 21.69
C SER B 31 -2.18 17.28 21.19
N TYR B 32 -2.41 17.16 19.89
CA TYR B 32 -3.72 17.50 19.33
C TYR B 32 -4.75 16.44 19.69
N LEU B 33 -5.98 16.88 19.93
CA LEU B 33 -7.09 15.99 20.25
C LEU B 33 -8.34 16.41 19.49
N ALA B 34 -9.48 15.79 19.83
CA ALA B 34 -10.73 16.11 19.16
C ALA B 34 -11.89 15.67 20.05
N TRP B 35 -12.85 16.56 20.25
CA TRP B 35 -14.07 16.27 20.99
C TRP B 35 -15.28 16.59 20.11
N TYR B 36 -16.29 15.72 20.15
CA TYR B 36 -17.46 15.85 19.29
C TYR B 36 -18.73 15.69 20.10
N GLN B 37 -19.80 16.30 19.60
CA GLN B 37 -21.12 16.23 20.22
C GLN B 37 -22.04 15.37 19.36
N GLN B 38 -22.63 14.35 19.98
CA GLN B 38 -23.52 13.42 19.30
C GLN B 38 -24.93 13.57 19.84
N LYS B 39 -25.89 13.73 18.93
CA LYS B 39 -27.28 13.86 19.29
C LYS B 39 -28.11 12.79 18.59
N PRO B 40 -29.16 12.27 19.23
CA PRO B 40 -29.96 11.21 18.60
C PRO B 40 -31.04 11.78 17.70
N GLY B 41 -31.27 11.08 16.59
CA GLY B 41 -32.29 11.44 15.63
C GLY B 41 -31.79 12.16 14.40
N GLN B 42 -30.60 12.74 14.45
CA GLN B 42 -30.03 13.42 13.29
C GLN B 42 -28.51 13.33 13.38
N ALA B 43 -27.83 13.99 12.44
CA ALA B 43 -26.38 13.92 12.38
C ALA B 43 -25.75 14.64 13.57
N PRO B 44 -24.62 14.15 14.08
CA PRO B 44 -23.94 14.83 15.19
C PRO B 44 -23.34 16.18 14.79
N ARG B 45 -22.77 16.89 15.75
CA ARG B 45 -22.19 18.21 15.51
C ARG B 45 -20.82 18.30 16.15
N LEU B 46 -19.97 19.14 15.58
CA LEU B 46 -18.63 19.34 16.12
C LEU B 46 -18.69 20.13 17.43
N LEU B 47 -17.74 19.83 18.32
CA LEU B 47 -17.65 20.50 19.61
C LEU B 47 -16.39 21.34 19.72
N ILE B 48 -15.21 20.74 19.58
CA ILE B 48 -13.93 21.44 19.69
C ILE B 48 -12.82 20.56 19.14
N TYR B 49 -11.83 21.17 18.50
CA TYR B 49 -10.69 20.45 17.97
C TYR B 49 -9.40 21.11 18.44
N ASP B 50 -8.36 20.29 18.61
CA ASP B 50 -7.02 20.68 19.03
C ASP B 50 -6.97 21.22 20.45
N ALA B 51 -8.10 21.28 21.16
CA ALA B 51 -8.18 21.76 22.54
C ALA B 51 -7.67 23.18 22.70
N SER B 52 -7.53 23.93 21.59
CA SER B 52 -7.07 25.30 21.65
C SER B 52 -7.87 26.27 20.79
N ASN B 53 -8.71 25.78 19.87
CA ASN B 53 -9.49 26.63 19.00
C ASN B 53 -10.97 26.37 19.21
N ARG B 54 -11.77 27.43 19.06
CA ARG B 54 -13.20 27.32 19.26
C ARG B 54 -13.87 26.73 18.01
N ALA B 55 -15.18 26.52 18.10
CA ALA B 55 -15.92 25.96 16.98
C ALA B 55 -16.08 26.99 15.86
N THR B 56 -16.27 26.50 14.65
CA THR B 56 -16.43 27.34 13.47
C THR B 56 -17.91 27.46 13.16
N GLY B 57 -18.46 28.65 13.35
CA GLY B 57 -19.86 28.91 13.09
C GLY B 57 -20.80 28.58 14.23
N ILE B 58 -20.33 27.90 15.27
CA ILE B 58 -21.13 27.54 16.42
C ILE B 58 -20.54 28.22 17.65
N PRO B 59 -21.28 29.07 18.36
CA PRO B 59 -20.75 29.64 19.60
C PRO B 59 -20.43 28.55 20.62
N ALA B 60 -19.33 28.73 21.33
CA ALA B 60 -18.83 27.74 22.27
C ALA B 60 -18.52 28.41 23.59
N ARG B 61 -19.25 28.03 24.64
CA ARG B 61 -18.98 28.48 26.00
C ARG B 61 -18.15 27.48 26.78
N PHE B 62 -17.69 26.41 26.16
CA PHE B 62 -16.92 25.38 26.83
C PHE B 62 -15.48 25.84 27.05
N SER B 63 -14.75 25.06 27.85
CA SER B 63 -13.34 25.34 28.13
C SER B 63 -12.62 24.00 28.31
N GLY B 64 -12.02 23.52 27.22
CA GLY B 64 -11.33 22.26 27.24
C GLY B 64 -9.88 22.36 26.77
N SER B 65 -8.96 21.81 27.56
CA SER B 65 -7.55 21.83 27.23
C SER B 65 -6.87 20.65 27.93
N GLY B 66 -5.54 20.65 27.93
CA GLY B 66 -4.79 19.58 28.55
C GLY B 66 -3.64 19.08 27.71
N SER B 67 -2.79 18.23 28.30
CA SER B 67 -1.64 17.69 27.58
C SER B 67 -1.23 16.38 28.23
N GLY B 68 -0.45 15.59 27.50
CA GLY B 68 0.02 14.32 28.00
C GLY B 68 -1.07 13.26 28.06
N THR B 69 -1.43 12.85 29.26
CA THR B 69 -2.48 11.84 29.46
C THR B 69 -3.71 12.37 30.16
N ASP B 70 -3.63 13.52 30.83
CA ASP B 70 -4.76 14.10 31.56
C ASP B 70 -5.28 15.31 30.80
N PHE B 71 -6.58 15.32 30.54
CA PHE B 71 -7.23 16.43 29.86
C PHE B 71 -8.50 16.82 30.61
N THR B 72 -8.76 18.11 30.67
CA THR B 72 -9.88 18.65 31.45
C THR B 72 -10.73 19.56 30.58
N LEU B 73 -12.04 19.38 30.66
CA LEU B 73 -13.00 20.24 30.00
C LEU B 73 -14.11 20.59 30.98
N THR B 74 -14.62 21.82 30.89
CA THR B 74 -15.62 22.30 31.83
C THR B 74 -16.60 23.21 31.10
N ILE B 75 -17.88 23.03 31.39
CA ILE B 75 -18.95 23.85 30.84
C ILE B 75 -19.77 24.42 31.99
N SER B 76 -20.05 25.71 31.93
CA SER B 76 -20.81 26.40 32.97
C SER B 76 -22.25 26.70 32.59
N SER B 77 -22.50 27.02 31.32
CA SER B 77 -23.86 27.32 30.88
C SER B 77 -24.73 26.06 30.91
N LEU B 78 -26.01 26.26 31.23
CA LEU B 78 -26.98 25.18 31.32
C LEU B 78 -28.09 25.43 30.29
N GLU B 79 -28.01 24.73 29.16
CA GLU B 79 -29.01 24.80 28.11
C GLU B 79 -29.84 23.53 28.06
N PRO B 80 -31.09 23.60 27.60
CA PRO B 80 -31.94 22.40 27.55
C PRO B 80 -31.64 21.46 26.39
N GLU B 81 -30.51 21.60 25.71
CA GLU B 81 -30.19 20.75 24.57
C GLU B 81 -28.79 20.13 24.68
N ASP B 82 -28.14 20.26 25.82
CA ASP B 82 -26.81 19.71 26.02
C ASP B 82 -26.80 18.30 26.58
N PHE B 83 -27.96 17.77 26.96
CA PHE B 83 -28.05 16.44 27.56
C PHE B 83 -27.93 15.41 26.45
N ALA B 84 -26.74 14.86 26.26
CA ALA B 84 -26.47 13.87 25.24
C ALA B 84 -25.21 13.10 25.62
N VAL B 85 -24.75 12.24 24.71
CA VAL B 85 -23.56 11.45 24.96
C VAL B 85 -22.33 12.24 24.52
N TYR B 86 -21.17 11.87 25.09
CA TYR B 86 -19.91 12.53 24.79
C TYR B 86 -18.91 11.50 24.29
N TYR B 87 -18.23 11.81 23.20
CA TYR B 87 -17.27 10.90 22.58
C TYR B 87 -15.89 11.55 22.52
N CYS B 88 -14.87 10.77 22.84
CA CYS B 88 -13.48 11.20 22.75
C CYS B 88 -12.71 10.23 21.86
N GLN B 89 -11.86 10.78 21.00
CA GLN B 89 -11.10 10.01 20.03
C GLN B 89 -9.64 10.43 20.06
N GLN B 90 -8.83 9.76 19.24
CA GLN B 90 -7.42 10.08 19.09
C GLN B 90 -6.98 9.80 17.67
N ARG B 91 -5.91 10.48 17.25
CA ARG B 91 -5.35 10.31 15.92
C ARG B 91 -3.84 10.22 15.99
N SER B 92 -3.32 9.44 16.94
CA SER B 92 -1.87 9.32 17.10
C SER B 92 -1.26 8.37 16.09
N ASN B 93 -1.79 7.14 16.01
CA ASN B 93 -1.28 6.14 15.09
C ASN B 93 -2.44 5.32 14.53
N TRP B 94 -2.39 5.04 13.24
CA TRP B 94 -3.41 4.21 12.62
C TRP B 94 -3.27 2.77 13.08
N PRO B 95 -4.38 2.04 13.28
CA PRO B 95 -5.75 2.56 13.17
C PRO B 95 -6.20 3.35 14.39
N ILE B 96 -7.16 4.25 14.22
CA ILE B 96 -7.63 5.06 15.34
C ILE B 96 -8.59 4.25 16.19
N THR B 97 -8.75 4.69 17.44
CA THR B 97 -9.65 4.05 18.40
C THR B 97 -10.65 5.08 18.91
N PHE B 98 -11.90 4.65 19.05
CA PHE B 98 -12.98 5.51 19.51
C PHE B 98 -13.38 5.15 20.93
N GLY B 99 -14.05 6.10 21.59
CA GLY B 99 -14.51 5.91 22.95
C GLY B 99 -15.81 5.13 23.01
N GLN B 100 -16.35 5.04 24.22
CA GLN B 100 -17.59 4.31 24.47
C GLN B 100 -18.80 5.23 24.61
N GLY B 101 -18.68 6.29 25.40
CA GLY B 101 -19.76 7.26 25.52
C GLY B 101 -20.20 7.51 26.95
N THR B 102 -20.36 8.79 27.29
CA THR B 102 -20.85 9.20 28.61
C THR B 102 -22.06 10.10 28.42
N ARG B 103 -23.19 9.71 29.01
CA ARG B 103 -24.44 10.46 28.89
C ARG B 103 -24.77 11.11 30.23
N LEU B 104 -25.13 12.39 30.17
CA LEU B 104 -25.47 13.14 31.37
C LEU B 104 -26.95 13.00 31.68
N GLU B 105 -27.30 13.16 32.96
CA GLU B 105 -28.64 12.97 33.46
C GLU B 105 -29.18 14.29 34.03
N ILE B 106 -30.42 14.25 34.52
CA ILE B 106 -31.19 15.45 34.81
C ILE B 106 -31.43 15.66 36.30
N LYS B 107 -30.97 14.73 37.15
CA LYS B 107 -31.17 14.81 38.61
C LYS B 107 -32.66 14.84 38.96
N ARG B 108 -33.33 13.75 38.60
CA ARG B 108 -34.75 13.57 38.90
C ARG B 108 -34.91 12.82 40.22
N THR B 109 -35.91 13.21 41.00
CA THR B 109 -36.15 12.58 42.28
C THR B 109 -36.63 11.15 42.10
N VAL B 110 -36.43 10.33 43.14
CA VAL B 110 -36.81 8.93 43.09
C VAL B 110 -38.33 8.80 43.14
N ALA B 111 -38.85 7.80 42.44
CA ALA B 111 -40.27 7.52 42.39
C ALA B 111 -40.54 6.07 42.80
N ALA B 112 -41.70 5.85 43.39
CA ALA B 112 -42.07 4.52 43.86
C ALA B 112 -42.48 3.64 42.69
N PRO B 113 -41.85 2.49 42.49
CA PRO B 113 -42.22 1.62 41.37
C PRO B 113 -43.51 0.85 41.65
N SER B 114 -44.07 0.28 40.59
CA SER B 114 -45.28 -0.51 40.68
C SER B 114 -45.07 -1.84 39.96
N VAL B 115 -45.94 -2.80 40.27
CA VAL B 115 -45.84 -4.15 39.71
C VAL B 115 -47.19 -4.57 39.17
N PHE B 116 -47.16 -5.50 38.21
CA PHE B 116 -48.37 -6.05 37.60
C PHE B 116 -48.09 -7.47 37.15
N ILE B 117 -49.16 -8.23 36.96
CA ILE B 117 -49.07 -9.62 36.54
C ILE B 117 -50.03 -9.84 35.37
N PHE B 118 -49.70 -10.82 34.53
CA PHE B 118 -50.53 -11.13 33.37
C PHE B 118 -50.37 -12.61 33.00
N PRO B 119 -51.36 -13.45 33.30
CA PRO B 119 -51.27 -14.87 32.92
C PRO B 119 -51.35 -15.03 31.42
N PRO B 120 -50.75 -16.09 30.87
CA PRO B 120 -50.80 -16.30 29.42
C PRO B 120 -52.23 -16.55 28.94
N SER B 121 -52.50 -16.12 27.72
CA SER B 121 -53.82 -16.21 27.12
C SER B 121 -53.97 -17.50 26.32
N ASP B 122 -55.23 -17.86 26.06
CA ASP B 122 -55.52 -19.06 25.28
C ASP B 122 -54.98 -18.94 23.85
N GLU B 123 -55.18 -17.78 23.23
CA GLU B 123 -54.62 -17.58 21.89
C GLU B 123 -53.11 -17.60 21.90
N GLN B 124 -52.49 -17.08 22.96
CA GLN B 124 -51.04 -17.10 23.07
C GLN B 124 -50.52 -18.53 23.18
N LEU B 125 -51.13 -19.33 24.05
CA LEU B 125 -50.65 -20.70 24.23
C LEU B 125 -50.97 -21.58 23.02
N LYS B 126 -52.05 -21.27 22.29
CA LYS B 126 -52.36 -22.03 21.09
C LYS B 126 -51.32 -21.82 19.99
N SER B 127 -50.59 -20.70 20.01
CA SER B 127 -49.56 -20.48 19.01
C SER B 127 -48.35 -21.36 19.25
N GLY B 128 -48.06 -21.70 20.50
CA GLY B 128 -46.93 -22.55 20.82
C GLY B 128 -45.95 -21.91 21.78
N THR B 129 -46.39 -20.91 22.52
CA THR B 129 -45.54 -20.21 23.48
C THR B 129 -46.42 -19.58 24.55
N ALA B 130 -45.79 -19.23 25.66
CA ALA B 130 -46.49 -18.57 26.77
C ALA B 130 -45.54 -17.57 27.41
N SER B 131 -45.93 -16.31 27.45
CA SER B 131 -45.10 -15.26 28.01
C SER B 131 -45.86 -14.54 29.12
N VAL B 132 -45.18 -14.27 30.23
CA VAL B 132 -45.73 -13.53 31.35
C VAL B 132 -44.96 -12.22 31.45
N VAL B 133 -45.69 -11.12 31.65
CA VAL B 133 -45.10 -9.79 31.68
C VAL B 133 -45.35 -9.16 33.05
N CYS B 134 -44.30 -8.63 33.66
CA CYS B 134 -44.38 -7.80 34.85
C CYS B 134 -44.02 -6.37 34.47
N LEU B 135 -44.95 -5.45 34.67
CA LEU B 135 -44.77 -4.07 34.25
C LEU B 135 -44.13 -3.26 35.38
N LEU B 136 -43.02 -2.59 35.06
CA LEU B 136 -42.30 -1.74 35.98
C LEU B 136 -42.32 -0.32 35.45
N ASN B 137 -42.72 0.63 36.29
CA ASN B 137 -42.84 2.02 35.89
C ASN B 137 -42.63 2.92 37.10
N ASN B 138 -42.27 4.18 36.82
CA ASN B 138 -42.07 5.19 37.85
C ASN B 138 -40.97 4.76 38.83
N PHE B 139 -39.77 4.56 38.30
CA PHE B 139 -38.62 4.19 39.10
C PHE B 139 -37.42 5.02 38.68
N TYR B 140 -36.49 5.21 39.63
CA TYR B 140 -35.29 6.00 39.39
C TYR B 140 -34.19 5.45 40.29
N PRO B 141 -32.97 5.24 39.77
CA PRO B 141 -32.60 5.48 38.37
C PRO B 141 -32.93 4.31 37.46
N ARG B 142 -32.31 4.28 36.27
CA ARG B 142 -32.57 3.21 35.33
C ARG B 142 -32.08 1.86 35.84
N GLU B 143 -31.05 1.86 36.69
CA GLU B 143 -30.51 0.62 37.21
C GLU B 143 -31.50 -0.02 38.20
N ALA B 144 -31.75 -1.31 38.01
CA ALA B 144 -32.67 -2.04 38.87
C ALA B 144 -32.30 -3.51 38.86
N LYS B 145 -32.77 -4.23 39.88
CA LYS B 145 -32.51 -5.66 40.03
C LYS B 145 -33.84 -6.39 39.97
N VAL B 146 -34.12 -7.03 38.84
CA VAL B 146 -35.36 -7.79 38.63
C VAL B 146 -34.99 -9.19 38.18
N GLN B 147 -35.61 -10.19 38.79
CA GLN B 147 -35.35 -11.59 38.46
C GLN B 147 -36.65 -12.37 38.52
N TRP B 148 -36.61 -13.60 38.05
CA TRP B 148 -37.77 -14.49 37.99
C TRP B 148 -37.51 -15.76 38.79
N LYS B 149 -38.55 -16.26 39.43
CA LYS B 149 -38.50 -17.55 40.10
C LYS B 149 -39.75 -18.35 39.75
N VAL B 150 -39.57 -19.65 39.53
CA VAL B 150 -40.67 -20.55 39.21
C VAL B 150 -40.61 -21.72 40.19
N ASP B 151 -41.72 -21.93 40.92
CA ASP B 151 -41.80 -22.99 41.92
C ASP B 151 -40.67 -22.88 42.95
N ASN B 152 -40.39 -21.65 43.38
CA ASN B 152 -39.32 -21.36 44.33
C ASN B 152 -37.98 -21.89 43.84
N ALA B 153 -37.75 -21.77 42.53
CA ALA B 153 -36.50 -22.19 41.91
C ALA B 153 -35.99 -21.06 41.02
N LEU B 154 -34.65 -20.99 40.91
CA LEU B 154 -33.99 -19.92 40.18
C LEU B 154 -33.57 -20.42 38.80
N GLN B 155 -33.84 -19.61 37.77
CA GLN B 155 -33.45 -19.92 36.41
C GLN B 155 -32.65 -18.74 35.84
N SER B 156 -31.75 -19.04 34.92
CA SER B 156 -30.87 -18.04 34.34
C SER B 156 -30.72 -18.27 32.85
N GLY B 157 -30.29 -17.23 32.15
CA GLY B 157 -30.08 -17.30 30.72
C GLY B 157 -31.34 -17.49 29.90
N ASN B 158 -32.44 -16.86 30.31
CA ASN B 158 -33.69 -16.96 29.57
C ASN B 158 -34.43 -15.64 29.44
N SER B 159 -33.89 -14.54 29.96
CA SER B 159 -34.58 -13.25 29.97
C SER B 159 -33.87 -12.26 29.06
N GLN B 160 -34.63 -11.62 28.18
CA GLN B 160 -34.13 -10.55 27.33
C GLN B 160 -34.95 -9.30 27.60
N GLU B 161 -34.26 -8.19 27.91
CA GLU B 161 -34.91 -6.96 28.29
C GLU B 161 -34.29 -5.78 27.56
N SER B 162 -35.13 -4.80 27.24
CA SER B 162 -34.69 -3.56 26.62
C SER B 162 -35.23 -2.39 27.43
N VAL B 163 -34.48 -1.29 27.45
CA VAL B 163 -34.83 -0.12 28.22
C VAL B 163 -35.44 0.93 27.30
N THR B 164 -36.09 1.92 27.89
CA THR B 164 -36.72 3.01 27.15
C THR B 164 -35.94 4.30 27.37
N GLU B 165 -36.38 5.35 26.67
CA GLU B 165 -35.74 6.66 26.75
C GLU B 165 -36.39 7.49 27.85
N GLN B 166 -36.05 8.77 27.91
CA GLN B 166 -36.57 9.69 28.91
C GLN B 166 -37.52 10.69 28.26
N ASP B 167 -38.65 10.93 28.91
CA ASP B 167 -39.62 11.89 28.42
C ASP B 167 -39.13 13.32 28.66
N SER B 168 -39.74 14.26 27.94
CA SER B 168 -39.37 15.67 28.03
C SER B 168 -40.11 16.39 29.15
N LYS B 169 -40.98 15.71 29.89
CA LYS B 169 -41.74 16.32 30.97
C LYS B 169 -41.23 15.94 32.34
N ASP B 170 -41.10 14.64 32.63
CA ASP B 170 -40.65 14.18 33.93
C ASP B 170 -39.50 13.18 33.88
N SER B 171 -39.11 12.72 32.69
CA SER B 171 -38.03 11.74 32.53
C SER B 171 -38.30 10.48 33.36
N THR B 172 -39.40 9.82 33.02
CA THR B 172 -39.84 8.62 33.73
C THR B 172 -39.42 7.39 32.95
N TYR B 173 -38.84 6.42 33.66
CA TYR B 173 -38.36 5.17 33.07
C TYR B 173 -39.40 4.07 33.28
N SER B 174 -39.46 3.17 32.31
CA SER B 174 -40.40 2.05 32.36
C SER B 174 -39.69 0.78 31.94
N LEU B 175 -40.18 -0.36 32.44
CA LEU B 175 -39.63 -1.66 32.10
C LEU B 175 -40.76 -2.68 32.05
N SER B 176 -40.56 -3.73 31.25
CA SER B 176 -41.55 -4.79 31.11
C SER B 176 -40.80 -6.10 30.82
N SER B 177 -40.61 -6.90 31.87
CA SER B 177 -39.91 -8.17 31.71
C SER B 177 -40.80 -9.19 31.03
N THR B 178 -40.35 -9.73 29.90
CA THR B 178 -41.11 -10.71 29.16
C THR B 178 -40.21 -11.86 28.77
N LEU B 179 -40.63 -13.09 29.08
CA LEU B 179 -39.86 -14.29 28.77
C LEU B 179 -40.76 -15.25 28.01
N THR B 180 -40.28 -15.72 26.86
CA THR B 180 -41.02 -16.73 26.11
C THR B 180 -40.77 -18.10 26.74
N LEU B 181 -41.86 -18.83 26.99
CA LEU B 181 -41.79 -20.10 27.69
C LEU B 181 -42.52 -21.17 26.89
N SER B 182 -42.02 -22.40 26.99
CA SER B 182 -42.58 -23.53 26.26
C SER B 182 -43.85 -24.02 26.92
N LYS B 183 -44.71 -24.66 26.12
CA LYS B 183 -45.97 -25.20 26.64
C LYS B 183 -45.71 -26.37 27.59
N ALA B 184 -44.76 -27.25 27.24
CA ALA B 184 -44.51 -28.42 28.06
C ALA B 184 -44.02 -28.02 29.46
N ASP B 185 -43.11 -27.06 29.53
CA ASP B 185 -42.68 -26.54 30.82
C ASP B 185 -43.78 -25.78 31.53
N TYR B 186 -44.66 -25.12 30.78
CA TYR B 186 -45.76 -24.38 31.39
C TYR B 186 -46.75 -25.32 32.07
N GLU B 187 -46.96 -26.50 31.50
CA GLU B 187 -47.96 -27.42 32.05
C GLU B 187 -47.52 -28.00 33.39
N LYS B 188 -46.24 -28.32 33.54
CA LYS B 188 -45.77 -29.06 34.72
C LYS B 188 -45.34 -28.16 35.87
N HIS B 189 -45.49 -26.84 35.75
CA HIS B 189 -45.08 -25.92 36.80
C HIS B 189 -46.30 -25.31 37.47
N LYS B 190 -46.15 -24.96 38.75
CA LYS B 190 -47.24 -24.51 39.60
C LYS B 190 -47.25 -23.00 39.81
N VAL B 191 -46.17 -22.44 40.36
CA VAL B 191 -46.15 -21.07 40.85
C VAL B 191 -45.21 -20.23 39.98
N TYR B 192 -45.73 -19.12 39.46
CA TYR B 192 -44.95 -18.14 38.71
C TYR B 192 -44.99 -16.82 39.45
N ALA B 193 -43.83 -16.18 39.61
CA ALA B 193 -43.75 -14.89 40.29
C ALA B 193 -42.53 -14.13 39.79
N CYS B 194 -42.56 -12.81 40.01
CA CYS B 194 -41.46 -11.93 39.67
C CYS B 194 -41.20 -10.99 40.85
N GLU B 195 -39.92 -10.73 41.12
CA GLU B 195 -39.50 -9.94 42.27
C GLU B 195 -38.69 -8.74 41.81
N VAL B 196 -38.94 -7.59 42.46
CA VAL B 196 -38.22 -6.36 42.17
C VAL B 196 -37.78 -5.74 43.49
N THR B 197 -36.61 -5.11 43.47
CA THR B 197 -36.08 -4.39 44.63
C THR B 197 -35.56 -3.03 44.19
N HIS B 198 -35.68 -2.05 45.08
CA HIS B 198 -35.28 -0.69 44.77
C HIS B 198 -35.07 0.07 46.07
N GLN B 199 -34.50 1.27 45.95
CA GLN B 199 -34.27 2.11 47.12
C GLN B 199 -35.59 2.61 47.71
N GLY B 200 -36.64 2.69 46.90
CA GLY B 200 -37.93 3.17 47.38
C GLY B 200 -38.70 2.19 48.23
N LEU B 201 -38.24 0.96 48.35
CA LEU B 201 -38.89 -0.07 49.15
C LEU B 201 -37.94 -0.55 50.24
N SER B 202 -38.48 -0.75 51.44
CA SER B 202 -37.70 -1.23 52.57
C SER B 202 -37.68 -2.74 52.69
N SER B 203 -38.46 -3.46 51.87
CA SER B 203 -38.50 -4.91 51.92
C SER B 203 -38.93 -5.43 50.56
N PRO B 204 -38.36 -6.52 50.07
CA PRO B 204 -38.77 -7.05 48.76
C PRO B 204 -40.25 -7.45 48.76
N VAL B 205 -40.90 -7.20 47.63
CA VAL B 205 -42.32 -7.51 47.45
C VAL B 205 -42.48 -8.34 46.19
N THR B 206 -43.35 -9.35 46.26
CA THR B 206 -43.61 -10.24 45.13
C THR B 206 -45.10 -10.43 44.97
N LYS B 207 -45.51 -10.74 43.74
CA LYS B 207 -46.91 -10.97 43.40
C LYS B 207 -47.04 -12.34 42.75
N SER B 208 -48.07 -13.08 43.14
CA SER B 208 -48.33 -14.41 42.61
C SER B 208 -49.76 -14.51 42.12
N PHE B 209 -49.98 -15.39 41.15
CA PHE B 209 -51.29 -15.60 40.57
C PHE B 209 -51.57 -17.10 40.47
N ASN B 210 -52.86 -17.44 40.47
CA ASN B 210 -53.29 -18.83 40.38
C ASN B 210 -53.44 -19.21 38.91
N ARG B 211 -52.92 -20.38 38.54
CA ARG B 211 -52.98 -20.84 37.16
C ARG B 211 -54.29 -21.56 36.90
N GLU C 1 -25.87 27.26 3.08
CA GLU C 1 -25.62 26.02 3.82
C GLU C 1 -25.03 24.95 2.91
N VAL C 2 -24.41 23.96 3.52
CA VAL C 2 -23.79 22.84 2.80
C VAL C 2 -24.37 21.53 3.34
N GLN C 3 -24.75 20.64 2.42
CA GLN C 3 -25.31 19.36 2.81
C GLN C 3 -24.99 18.33 1.73
N LEU C 4 -25.05 17.06 2.12
CA LEU C 4 -24.79 15.95 1.23
C LEU C 4 -25.91 14.93 1.33
N VAL C 5 -26.14 14.22 0.24
CA VAL C 5 -27.19 13.19 0.17
C VAL C 5 -26.57 11.91 -0.39
N GLU C 6 -27.18 10.78 -0.02
CA GLU C 6 -26.71 9.48 -0.46
C GLU C 6 -27.91 8.62 -0.85
N SER C 7 -27.63 7.61 -1.69
CA SER C 7 -28.66 6.71 -2.17
C SER C 7 -28.09 5.31 -2.30
N GLY C 8 -28.97 4.33 -2.30
CA GLY C 8 -28.58 2.94 -2.42
C GLY C 8 -28.74 2.19 -1.11
N GLY C 9 -29.08 0.91 -1.23
CA GLY C 9 -29.26 0.08 -0.05
C GLY C 9 -30.48 -0.83 -0.14
N GLY C 10 -30.35 -2.05 0.34
CA GLY C 10 -31.44 -2.99 0.32
C GLY C 10 -31.13 -4.22 1.15
N LEU C 11 -32.19 -4.98 1.43
CA LEU C 11 -32.07 -6.20 2.23
C LEU C 11 -31.78 -7.36 1.28
N VAL C 12 -30.54 -7.85 1.30
CA VAL C 12 -30.10 -8.93 0.44
C VAL C 12 -29.45 -10.00 1.29
N GLN C 13 -29.70 -11.26 0.94
CA GLN C 13 -29.10 -12.37 1.65
C GLN C 13 -27.58 -12.29 1.56
N PRO C 14 -26.85 -12.52 2.65
CA PRO C 14 -25.39 -12.38 2.62
C PRO C 14 -24.76 -13.31 1.59
N GLY C 15 -23.72 -12.80 0.93
CA GLY C 15 -23.03 -13.51 -0.13
C GLY C 15 -23.04 -12.79 -1.46
N ARG C 16 -24.02 -11.92 -1.69
CA ARG C 16 -24.10 -11.16 -2.94
C ARG C 16 -23.32 -9.85 -2.80
N SER C 17 -23.49 -8.96 -3.76
CA SER C 17 -22.81 -7.66 -3.77
C SER C 17 -23.84 -6.55 -3.79
N LEU C 18 -23.61 -5.52 -2.99
CA LEU C 18 -24.50 -4.37 -2.88
C LEU C 18 -23.88 -3.16 -3.56
N ARG C 19 -24.74 -2.23 -3.96
CA ARG C 19 -24.32 -1.00 -4.63
C ARG C 19 -24.96 0.20 -3.93
N LEU C 20 -24.18 1.27 -3.79
CA LEU C 20 -24.66 2.50 -3.18
C LEU C 20 -23.76 3.64 -3.63
N SER C 21 -24.23 4.86 -3.36
CA SER C 21 -23.47 6.05 -3.72
C SER C 21 -23.76 7.15 -2.72
N CYS C 22 -22.85 8.13 -2.65
CA CYS C 22 -22.97 9.28 -1.77
C CYS C 22 -22.73 10.53 -2.61
N ALA C 23 -23.80 11.26 -2.93
CA ALA C 23 -23.69 12.42 -3.81
C ALA C 23 -22.98 13.56 -3.11
N ALA C 24 -22.16 14.29 -3.88
CA ALA C 24 -21.41 15.46 -3.42
C ALA C 24 -21.54 16.58 -4.44
N SER C 25 -22.78 16.85 -4.86
CA SER C 25 -23.00 17.81 -5.94
C SER C 25 -22.50 19.21 -5.57
N GLY C 26 -23.06 19.79 -4.52
CA GLY C 26 -22.71 21.15 -4.17
C GLY C 26 -21.58 21.26 -3.16
N PHE C 27 -20.36 21.44 -3.65
CA PHE C 27 -19.15 21.63 -2.86
C PHE C 27 -17.99 21.86 -3.82
N THR C 28 -16.85 22.28 -3.27
CA THR C 28 -15.65 22.41 -4.08
C THR C 28 -15.16 21.04 -4.56
N PHE C 29 -15.04 20.09 -3.64
CA PHE C 29 -14.66 18.71 -3.95
C PHE C 29 -13.33 18.68 -4.72
N ASN C 30 -12.38 19.49 -4.25
CA ASN C 30 -11.06 19.55 -4.86
C ASN C 30 -9.91 19.45 -3.86
N ASP C 31 -10.10 19.87 -2.61
CA ASP C 31 -9.01 19.88 -1.63
C ASP C 31 -9.45 19.27 -0.30
N TYR C 32 -10.31 18.26 -0.34
CA TYR C 32 -10.80 17.62 0.88
C TYR C 32 -10.84 16.11 0.68
N ALA C 33 -10.74 15.39 1.79
CA ALA C 33 -10.75 13.92 1.79
C ALA C 33 -11.95 13.43 2.58
N MET C 34 -12.68 12.47 2.00
CA MET C 34 -13.88 11.94 2.61
C MET C 34 -13.51 10.88 3.66
N HIS C 35 -14.50 10.56 4.50
CA HIS C 35 -14.33 9.58 5.56
C HIS C 35 -15.56 8.68 5.63
N TRP C 36 -15.36 7.49 6.17
CA TRP C 36 -16.43 6.51 6.33
C TRP C 36 -16.48 6.06 7.77
N VAL C 37 -17.70 5.91 8.30
CA VAL C 37 -17.89 5.50 9.69
C VAL C 37 -19.24 4.80 9.81
N ARG C 38 -19.33 3.88 10.76
CA ARG C 38 -20.56 3.13 11.04
C ARG C 38 -20.79 3.10 12.54
N GLN C 39 -22.05 2.98 12.93
CA GLN C 39 -22.42 2.89 14.34
C GLN C 39 -23.51 1.84 14.52
N ALA C 40 -23.34 0.99 15.54
CA ALA C 40 -24.32 -0.03 15.87
C ALA C 40 -25.47 0.58 16.66
N PRO C 41 -26.67 0.00 16.58
CA PRO C 41 -27.80 0.52 17.35
C PRO C 41 -27.61 0.27 18.83
N GLY C 42 -27.53 1.36 19.61
CA GLY C 42 -27.34 1.27 21.04
C GLY C 42 -25.90 1.08 21.48
N LYS C 43 -24.96 1.02 20.54
CA LYS C 43 -23.55 0.83 20.84
C LYS C 43 -22.74 1.98 20.25
N GLY C 44 -21.42 1.90 20.39
CA GLY C 44 -20.54 2.92 19.86
C GLY C 44 -20.33 2.79 18.36
N LEU C 45 -19.59 3.75 17.81
CA LEU C 45 -19.29 3.80 16.40
C LEU C 45 -17.87 3.29 16.14
N GLU C 46 -17.68 2.69 14.96
CA GLU C 46 -16.42 2.05 14.61
C GLU C 46 -15.96 2.54 13.25
N TRP C 47 -14.64 2.70 13.11
CA TRP C 47 -14.05 3.12 11.85
C TRP C 47 -14.28 2.06 10.77
N VAL C 48 -14.40 2.51 9.52
CA VAL C 48 -14.59 1.61 8.40
C VAL C 48 -13.45 1.75 7.41
N SER C 49 -13.31 2.96 6.84
CA SER C 49 -12.27 3.20 5.85
C SER C 49 -12.10 4.71 5.70
N THR C 50 -11.01 5.09 5.04
CA THR C 50 -10.72 6.50 4.80
C THR C 50 -9.84 6.61 3.56
N ILE C 51 -10.24 7.46 2.62
CA ILE C 51 -9.50 7.68 1.39
C ILE C 51 -8.87 9.06 1.42
N SER C 52 -7.73 9.18 0.74
CA SER C 52 -7.02 10.44 0.66
C SER C 52 -7.63 11.32 -0.44
N TRP C 53 -7.17 12.57 -0.53
CA TRP C 53 -7.69 13.49 -1.52
C TRP C 53 -7.21 13.15 -2.93
N ASN C 54 -6.15 12.34 -3.06
CA ASN C 54 -5.64 11.97 -4.36
C ASN C 54 -5.29 10.48 -4.42
N SER C 55 -5.83 9.70 -3.48
CA SER C 55 -5.60 8.25 -3.42
C SER C 55 -4.11 7.93 -3.36
N GLY C 56 -3.42 8.56 -2.41
CA GLY C 56 -2.00 8.34 -2.25
C GLY C 56 -1.65 7.65 -0.95
N SER C 57 -2.56 7.68 0.02
CA SER C 57 -2.37 7.08 1.34
C SER C 57 -3.58 6.27 1.73
N ILE C 58 -4.06 5.42 0.82
CA ILE C 58 -5.24 4.61 1.07
C ILE C 58 -4.94 3.60 2.17
N GLY C 59 -5.82 3.53 3.17
CA GLY C 59 -5.68 2.59 4.27
C GLY C 59 -6.98 1.85 4.53
N TYR C 60 -6.90 0.93 5.48
CA TYR C 60 -8.06 0.12 5.84
C TYR C 60 -7.99 -0.23 7.32
N ALA C 61 -9.14 -0.57 7.89
CA ALA C 61 -9.24 -0.89 9.30
C ALA C 61 -8.96 -2.37 9.54
N ASP C 62 -9.09 -2.80 10.80
CA ASP C 62 -8.84 -4.19 11.16
C ASP C 62 -9.98 -5.09 10.70
N SER C 63 -11.22 -4.59 10.73
CA SER C 63 -12.37 -5.44 10.42
C SER C 63 -12.32 -5.96 8.99
N VAL C 64 -11.92 -5.12 8.04
CA VAL C 64 -11.86 -5.48 6.63
C VAL C 64 -10.41 -5.36 6.17
N LYS C 65 -9.87 -6.45 5.63
CA LYS C 65 -8.50 -6.49 5.11
C LYS C 65 -8.53 -7.10 3.72
N GLY C 66 -8.32 -6.28 2.70
CA GLY C 66 -8.32 -6.76 1.33
C GLY C 66 -9.68 -7.28 0.88
N ARG C 67 -10.75 -6.65 1.32
CA ARG C 67 -12.11 -7.07 0.94
C ARG C 67 -13.01 -5.92 0.51
N PHE C 68 -12.63 -4.67 0.78
CA PHE C 68 -13.42 -3.51 0.40
C PHE C 68 -12.62 -2.64 -0.56
N THR C 69 -13.28 -2.15 -1.60
CA THR C 69 -12.65 -1.32 -2.61
C THR C 69 -13.42 -0.01 -2.76
N ILE C 70 -12.67 1.10 -2.84
CA ILE C 70 -13.24 2.42 -3.03
C ILE C 70 -12.46 3.13 -4.13
N SER C 71 -13.12 4.10 -4.76
CA SER C 71 -12.52 4.83 -5.87
C SER C 71 -13.08 6.24 -5.91
N ARG C 72 -12.36 7.12 -6.60
CA ARG C 72 -12.78 8.51 -6.79
C ARG C 72 -12.58 8.89 -8.24
N ASP C 73 -13.36 9.87 -8.69
CA ASP C 73 -13.31 10.32 -10.08
C ASP C 73 -12.88 11.77 -10.24
N ASN C 74 -13.14 12.63 -9.25
CA ASN C 74 -12.78 14.05 -9.22
C ASN C 74 -13.53 14.86 -10.26
N ALA C 75 -14.42 14.24 -11.05
CA ALA C 75 -15.19 14.94 -12.06
C ALA C 75 -16.69 14.92 -11.80
N LYS C 76 -17.25 13.73 -11.57
CA LYS C 76 -18.69 13.60 -11.34
C LYS C 76 -19.09 14.01 -9.93
N LYS C 77 -18.14 14.18 -9.02
CA LYS C 77 -18.41 14.53 -7.62
C LYS C 77 -19.34 13.51 -6.97
N SER C 78 -19.12 12.23 -7.30
CA SER C 78 -19.89 11.12 -6.74
C SER C 78 -18.95 10.11 -6.12
N LEU C 79 -19.24 9.70 -4.89
CA LEU C 79 -18.43 8.73 -4.16
C LEU C 79 -19.26 7.49 -3.90
N TYR C 80 -18.70 6.32 -4.18
CA TYR C 80 -19.39 5.05 -4.01
C TYR C 80 -18.49 4.05 -3.32
N LEU C 81 -19.10 3.08 -2.65
CA LEU C 81 -18.39 2.01 -1.96
C LEU C 81 -18.71 0.69 -2.64
N GLN C 82 -17.67 -0.08 -2.94
CA GLN C 82 -17.81 -1.37 -3.61
C GLN C 82 -17.38 -2.48 -2.67
N MET C 83 -18.27 -3.46 -2.46
CA MET C 83 -17.98 -4.61 -1.63
C MET C 83 -18.58 -5.85 -2.26
N ASN C 84 -17.95 -7.00 -2.01
CA ASN C 84 -18.40 -8.27 -2.56
C ASN C 84 -18.43 -9.42 -1.56
N SER C 85 -17.79 -9.27 -0.40
CA SER C 85 -17.76 -10.33 0.59
C SER C 85 -19.04 -10.29 1.43
N LEU C 86 -19.14 -11.20 2.39
CA LEU C 86 -20.29 -11.30 3.29
C LEU C 86 -19.83 -11.10 4.73
N ARG C 87 -20.62 -10.35 5.49
CA ARG C 87 -20.36 -10.07 6.90
C ARG C 87 -21.59 -10.39 7.72
N ALA C 88 -21.40 -10.49 9.03
CA ALA C 88 -22.47 -10.89 9.93
C ALA C 88 -22.88 -9.84 10.96
N GLU C 89 -21.99 -8.92 11.33
CA GLU C 89 -22.28 -7.98 12.41
C GLU C 89 -22.13 -6.52 12.00
N ASP C 90 -21.13 -6.17 11.20
CA ASP C 90 -20.81 -4.78 10.92
C ASP C 90 -21.65 -4.21 9.78
N THR C 91 -22.98 -4.41 9.85
CA THR C 91 -23.93 -3.80 8.94
C THR C 91 -25.07 -3.21 9.78
N ALA C 92 -24.87 -2.00 10.30
CA ALA C 92 -25.93 -1.29 11.00
C ALA C 92 -26.28 0.03 10.32
N LEU C 93 -25.33 0.94 10.17
CA LEU C 93 -25.58 2.24 9.57
C LEU C 93 -24.36 2.64 8.74
N TYR C 94 -24.60 3.49 7.75
CA TYR C 94 -23.55 4.06 6.92
C TYR C 94 -23.60 5.58 7.01
N TYR C 95 -22.45 6.22 6.78
CA TYR C 95 -22.35 7.66 6.92
C TYR C 95 -21.34 8.22 5.94
N CYS C 96 -21.44 9.52 5.70
CA CYS C 96 -20.50 10.26 4.85
C CYS C 96 -20.01 11.48 5.60
N ALA C 97 -18.76 11.85 5.36
CA ALA C 97 -18.16 12.99 6.02
C ALA C 97 -17.03 13.54 5.16
N LYS C 98 -16.65 14.79 5.43
CA LYS C 98 -15.58 15.47 4.73
C LYS C 98 -14.65 16.13 5.74
N ASP C 99 -13.35 16.00 5.52
CA ASP C 99 -12.36 16.49 6.46
C ASP C 99 -12.23 18.01 6.38
N ILE C 100 -11.42 18.58 7.27
CA ILE C 100 -11.20 20.02 7.32
C ILE C 100 -9.72 20.38 7.23
N GLN C 101 -8.83 19.40 7.25
CA GLN C 101 -7.39 19.68 7.29
C GLN C 101 -6.95 20.49 6.07
N TYR C 102 -6.10 21.49 6.32
CA TYR C 102 -5.56 22.34 5.26
C TYR C 102 -4.36 23.13 5.79
N GLY C 103 -3.21 23.00 5.12
CA GLY C 103 -2.05 23.78 5.49
C GLY C 103 -1.22 23.16 6.59
N ASN C 104 -1.38 23.68 7.81
CA ASN C 104 -0.58 23.24 8.94
C ASN C 104 -1.19 21.98 9.56
N TYR C 105 -0.70 21.59 10.74
CA TYR C 105 -1.08 20.35 11.39
C TYR C 105 -2.40 20.55 12.13
N TYR C 106 -3.49 20.53 11.37
CA TYR C 106 -4.85 20.55 11.91
C TYR C 106 -5.57 19.32 11.40
N TYR C 107 -6.34 18.66 12.28
CA TYR C 107 -6.99 17.40 11.95
C TYR C 107 -8.45 17.44 12.35
N GLY C 108 -9.26 16.65 11.67
CA GLY C 108 -10.67 16.53 11.96
C GLY C 108 -11.52 16.65 10.71
N MET C 109 -12.82 16.45 10.90
CA MET C 109 -13.82 16.59 9.85
C MET C 109 -14.94 17.50 10.35
N ASP C 110 -15.56 18.21 9.40
CA ASP C 110 -16.53 19.25 9.71
C ASP C 110 -17.93 18.92 9.21
N VAL C 111 -18.07 18.60 7.93
CA VAL C 111 -19.38 18.41 7.31
C VAL C 111 -19.75 16.94 7.33
N TRP C 112 -20.94 16.63 7.82
CA TRP C 112 -21.49 15.29 7.85
C TRP C 112 -22.71 15.22 6.93
N GLY C 113 -23.25 14.02 6.78
CA GLY C 113 -24.37 13.77 5.90
C GLY C 113 -25.48 13.00 6.61
N GLN C 114 -26.27 12.30 5.79
CA GLN C 114 -27.40 11.53 6.25
C GLN C 114 -27.02 10.05 6.33
N GLY C 115 -27.59 9.35 7.30
CA GLY C 115 -27.29 7.95 7.54
C GLY C 115 -28.31 7.03 6.86
N THR C 116 -27.82 5.90 6.37
CA THR C 116 -28.65 4.87 5.75
C THR C 116 -28.36 3.54 6.42
N THR C 117 -29.41 2.78 6.69
CA THR C 117 -29.31 1.51 7.39
C THR C 117 -29.43 0.34 6.41
N VAL C 118 -28.55 -0.64 6.57
CA VAL C 118 -28.58 -1.88 5.78
C VAL C 118 -28.35 -3.04 6.74
N THR C 119 -29.04 -4.15 6.48
CA THR C 119 -28.94 -5.32 7.35
C THR C 119 -29.26 -6.58 6.55
N VAL C 120 -28.87 -7.71 7.12
CA VAL C 120 -29.12 -9.02 6.52
C VAL C 120 -30.02 -9.82 7.48
N SER C 121 -31.04 -10.47 6.91
CA SER C 121 -31.99 -11.23 7.70
C SER C 121 -31.96 -12.73 7.41
N SER C 122 -31.71 -13.14 6.17
CA SER C 122 -31.68 -14.55 5.78
C SER C 122 -33.00 -15.24 6.12
N ALA C 123 -34.11 -14.54 5.92
CA ALA C 123 -35.43 -15.06 6.21
C ALA C 123 -36.43 -14.38 5.28
N SER C 124 -37.72 -14.57 5.56
CA SER C 124 -38.79 -13.99 4.77
C SER C 124 -39.77 -13.26 5.67
N THR C 125 -40.46 -12.29 5.08
CA THR C 125 -41.44 -11.51 5.83
C THR C 125 -42.64 -12.36 6.20
N LYS C 126 -43.28 -12.00 7.32
CA LYS C 126 -44.43 -12.71 7.82
C LYS C 126 -45.50 -11.71 8.24
N GLY C 127 -46.76 -12.06 8.00
CA GLY C 127 -47.88 -11.22 8.39
C GLY C 127 -47.94 -11.01 9.89
N PRO C 128 -48.25 -9.78 10.31
CA PRO C 128 -48.29 -9.49 11.74
C PRO C 128 -49.38 -10.26 12.47
N SER C 129 -49.09 -10.60 13.72
CA SER C 129 -50.03 -11.30 14.59
C SER C 129 -50.22 -10.49 15.86
N VAL C 130 -51.48 -10.41 16.31
CA VAL C 130 -51.86 -9.59 17.46
C VAL C 130 -52.41 -10.50 18.54
N PHE C 131 -52.04 -10.22 19.79
CA PHE C 131 -52.55 -10.96 20.95
C PHE C 131 -53.16 -9.95 21.91
N PRO C 132 -54.45 -10.06 22.22
CA PRO C 132 -55.08 -9.07 23.10
C PRO C 132 -54.52 -9.13 24.52
N LEU C 133 -54.54 -7.99 25.18
CA LEU C 133 -54.09 -7.85 26.57
C LEU C 133 -55.27 -7.36 27.40
N ALA C 134 -56.06 -8.31 27.89
CA ALA C 134 -57.23 -7.96 28.67
C ALA C 134 -56.83 -7.35 30.01
N PRO C 135 -57.44 -6.23 30.41
CA PRO C 135 -57.11 -5.63 31.70
C PRO C 135 -57.57 -6.51 32.86
N GLY C 136 -56.86 -6.38 33.98
CA GLY C 136 -57.17 -7.14 35.17
C GLY C 136 -58.46 -6.70 35.85
N GLY C 137 -58.61 3.49 42.01
CA GLY C 137 -57.31 3.01 41.58
C GLY C 137 -57.08 3.13 40.10
N THR C 138 -56.11 2.37 39.58
CA THR C 138 -55.79 2.38 38.16
C THR C 138 -55.47 0.96 37.71
N ALA C 139 -55.59 0.73 36.41
CA ALA C 139 -55.35 -0.56 35.80
C ALA C 139 -54.39 -0.40 34.63
N ALA C 140 -53.68 -1.48 34.32
CA ALA C 140 -52.71 -1.51 33.22
C ALA C 140 -53.22 -2.41 32.11
N LEU C 141 -53.26 -1.89 30.89
CA LEU C 141 -53.72 -2.65 29.74
C LEU C 141 -53.13 -2.05 28.48
N GLY C 142 -53.17 -2.82 27.41
CA GLY C 142 -52.61 -2.36 26.15
C GLY C 142 -52.87 -3.34 25.04
N CYS C 143 -52.07 -3.22 23.97
CA CYS C 143 -52.17 -4.10 22.82
C CYS C 143 -50.79 -4.68 22.52
N LEU C 144 -50.77 -5.95 22.11
CA LEU C 144 -49.52 -6.68 21.86
C LEU C 144 -49.51 -7.16 20.42
N VAL C 145 -48.42 -6.89 19.72
CA VAL C 145 -48.24 -7.31 18.33
C VAL C 145 -47.02 -8.22 18.26
N LYS C 146 -47.12 -9.27 17.44
CA LYS C 146 -46.09 -10.29 17.35
C LYS C 146 -45.95 -10.75 15.91
N ASP C 147 -44.76 -11.25 15.57
CA ASP C 147 -44.49 -11.88 14.28
C ASP C 147 -44.68 -10.89 13.14
N TYR C 148 -43.90 -9.81 13.18
CA TYR C 148 -43.95 -8.78 12.15
C TYR C 148 -42.57 -8.58 11.54
N PHE C 149 -42.54 -8.31 10.24
CA PHE C 149 -41.31 -8.10 9.49
C PHE C 149 -41.64 -7.52 8.12
N PRO C 150 -40.86 -6.55 7.62
CA PRO C 150 -39.73 -5.93 8.29
C PRO C 150 -40.07 -4.62 9.00
N GLU C 151 -39.04 -3.90 9.42
CA GLU C 151 -39.21 -2.63 10.11
C GLU C 151 -39.71 -1.56 9.14
N PRO C 152 -40.40 -0.52 9.66
CA PRO C 152 -40.80 -0.32 11.05
C PRO C 152 -42.27 -0.61 11.30
N VAL C 153 -42.71 -0.49 12.55
CA VAL C 153 -44.09 -0.70 12.94
C VAL C 153 -44.53 0.46 13.82
N THR C 154 -45.65 1.08 13.48
CA THR C 154 -46.21 2.18 14.25
C THR C 154 -47.55 1.76 14.84
N VAL C 155 -47.72 1.99 16.13
CA VAL C 155 -48.93 1.61 16.87
C VAL C 155 -49.52 2.85 17.50
N SER C 156 -50.81 3.08 17.27
CA SER C 156 -51.52 4.23 17.83
C SER C 156 -52.85 3.78 18.39
N TRP C 157 -53.36 4.53 19.36
CA TRP C 157 -54.63 4.24 20.02
C TRP C 157 -55.67 5.28 19.63
N ASN C 158 -56.84 4.81 19.22
CA ASN C 158 -57.95 5.67 18.81
C ASN C 158 -57.54 6.61 17.68
N SER C 159 -56.71 6.11 16.76
CA SER C 159 -56.21 6.88 15.62
C SER C 159 -55.52 8.16 16.08
N GLY C 160 -54.75 8.08 17.16
CA GLY C 160 -54.02 9.22 17.66
C GLY C 160 -54.82 10.19 18.49
N ALA C 161 -56.09 9.88 18.80
CA ALA C 161 -56.90 10.79 19.59
C ALA C 161 -56.44 10.86 21.05
N LEU C 162 -55.74 9.84 21.54
CA LEU C 162 -55.24 9.81 22.91
C LEU C 162 -53.73 10.01 22.90
N THR C 163 -53.27 10.97 23.71
CA THR C 163 -51.84 11.27 23.79
C THR C 163 -51.29 11.21 25.21
N SER C 164 -52.11 10.85 26.20
CA SER C 164 -51.70 10.79 27.59
C SER C 164 -51.56 9.34 28.03
N GLY C 165 -50.43 9.02 28.65
CA GLY C 165 -50.19 7.67 29.14
C GLY C 165 -49.72 6.68 28.10
N VAL C 166 -49.32 7.15 26.92
CA VAL C 166 -48.85 6.26 25.86
C VAL C 166 -47.44 5.78 26.20
N HIS C 167 -47.19 4.49 25.99
CA HIS C 167 -45.88 3.90 26.25
C HIS C 167 -45.58 2.87 25.17
N THR C 168 -44.30 2.80 24.78
CA THR C 168 -43.87 1.85 23.78
C THR C 168 -42.43 1.45 24.06
N PHE C 169 -42.03 0.31 23.50
CA PHE C 169 -40.70 -0.23 23.70
C PHE C 169 -40.06 -0.58 22.36
N PRO C 170 -38.75 -0.42 22.24
CA PRO C 170 -38.07 -0.84 21.01
C PRO C 170 -38.08 -2.35 20.86
N ALA C 171 -38.01 -2.80 19.60
CA ALA C 171 -38.01 -4.22 19.31
C ALA C 171 -36.74 -4.88 19.85
N VAL C 172 -36.90 -6.08 20.40
CA VAL C 172 -35.80 -6.82 21.00
C VAL C 172 -35.26 -7.82 19.98
N LEU C 173 -33.94 -8.00 20.01
CA LEU C 173 -33.26 -8.91 19.07
C LEU C 173 -33.33 -10.33 19.64
N GLN C 174 -33.84 -11.26 18.83
CA GLN C 174 -33.95 -12.65 19.21
C GLN C 174 -32.97 -13.49 18.39
N SER C 175 -32.72 -14.72 18.86
CA SER C 175 -31.74 -15.58 18.22
C SER C 175 -32.15 -15.92 16.79
N SER C 176 -33.42 -16.26 16.58
CA SER C 176 -33.88 -16.61 15.23
C SER C 176 -33.94 -15.38 14.33
N GLY C 177 -34.35 -14.25 14.87
CA GLY C 177 -34.45 -13.03 14.08
C GLY C 177 -35.86 -12.47 14.05
N LEU C 178 -36.67 -12.84 15.04
CA LEU C 178 -38.05 -12.38 15.14
C LEU C 178 -38.18 -11.40 16.29
N TYR C 179 -38.77 -10.25 16.02
CA TYR C 179 -38.86 -9.17 17.00
C TYR C 179 -40.22 -9.18 17.69
N SER C 180 -40.26 -8.54 18.86
CA SER C 180 -41.48 -8.46 19.65
C SER C 180 -41.40 -7.22 20.54
N LEU C 181 -42.56 -6.60 20.74
CA LEU C 181 -42.66 -5.43 21.61
C LEU C 181 -44.04 -5.40 22.25
N SER C 182 -44.13 -4.69 23.38
CA SER C 182 -45.38 -4.58 24.13
C SER C 182 -45.66 -3.11 24.41
N SER C 183 -46.95 -2.75 24.36
CA SER C 183 -47.39 -1.40 24.64
C SER C 183 -48.44 -1.43 25.73
N VAL C 184 -48.29 -0.59 26.75
CA VAL C 184 -49.20 -0.51 27.88
C VAL C 184 -49.58 0.95 28.09
N VAL C 185 -50.88 1.21 28.21
CA VAL C 185 -51.41 2.55 28.42
C VAL C 185 -52.07 2.60 29.79
N THR C 186 -51.66 3.56 30.61
CA THR C 186 -52.21 3.70 31.96
C THR C 186 -53.61 4.30 31.87
N VAL C 187 -54.61 3.52 32.28
CA VAL C 187 -56.00 3.95 32.24
C VAL C 187 -56.63 3.76 33.61
N PRO C 188 -57.31 4.77 34.16
CA PRO C 188 -57.97 4.59 35.45
C PRO C 188 -59.08 3.56 35.37
N SER C 189 -59.34 2.91 36.50
CA SER C 189 -60.34 1.85 36.56
C SER C 189 -61.76 2.38 36.36
N SER C 190 -61.97 3.69 36.48
CA SER C 190 -63.28 4.28 36.31
C SER C 190 -63.54 4.77 34.89
N SER C 191 -62.61 4.55 33.97
CA SER C 191 -62.74 5.02 32.59
C SER C 191 -62.41 3.90 31.61
N LEU C 192 -62.97 2.72 31.85
CA LEU C 192 -62.76 1.58 30.96
C LEU C 192 -64.08 1.01 30.48
N GLY C 193 -65.12 1.11 31.31
CA GLY C 193 -66.42 0.58 30.98
C GLY C 193 -67.33 1.52 30.22
N THR C 194 -66.86 2.72 29.86
CA THR C 194 -67.67 3.68 29.13
C THR C 194 -67.07 4.12 27.81
N GLN C 195 -65.79 3.89 27.57
CA GLN C 195 -65.12 4.29 26.33
C GLN C 195 -64.46 3.09 25.69
N THR C 196 -64.59 2.97 24.37
CA THR C 196 -64.00 1.88 23.62
C THR C 196 -62.58 2.24 23.20
N TYR C 197 -61.64 1.37 23.54
CA TYR C 197 -60.23 1.55 23.23
C TYR C 197 -59.84 0.60 22.11
N ILE C 198 -59.26 1.15 21.04
CA ILE C 198 -58.87 0.38 19.86
C ILE C 198 -57.38 0.53 19.66
N CYS C 199 -56.73 -0.57 19.30
CA CYS C 199 -55.30 -0.59 19.00
C CYS C 199 -55.11 -0.91 17.52
N ASN C 200 -54.25 -0.14 16.86
CA ASN C 200 -54.01 -0.26 15.43
C ASN C 200 -52.53 -0.49 15.17
N VAL C 201 -52.23 -1.38 14.23
CA VAL C 201 -50.86 -1.66 13.81
C VAL C 201 -50.76 -1.39 12.31
N ASN C 202 -49.72 -0.67 11.91
CA ASN C 202 -49.51 -0.28 10.53
C ASN C 202 -48.22 -0.89 10.01
N HIS C 203 -48.25 -1.42 8.79
CA HIS C 203 -47.09 -2.05 8.18
C HIS C 203 -47.15 -1.81 6.68
N LYS C 204 -46.27 -0.93 6.19
CA LYS C 204 -46.25 -0.61 4.76
C LYS C 204 -45.90 -1.80 3.88
N PRO C 205 -44.83 -2.58 4.15
CA PRO C 205 -44.49 -3.67 3.23
C PRO C 205 -45.59 -4.72 3.07
N SER C 206 -46.33 -5.02 4.14
CA SER C 206 -47.38 -6.04 4.08
C SER C 206 -48.76 -5.46 3.80
N ASN C 207 -48.95 -4.15 3.98
CA ASN C 207 -50.23 -3.49 3.76
C ASN C 207 -51.34 -4.16 4.57
N THR C 208 -51.03 -4.50 5.82
CA THR C 208 -51.96 -5.18 6.70
C THR C 208 -52.44 -4.20 7.77
N LYS C 209 -53.75 -4.12 7.95
CA LYS C 209 -54.37 -3.28 8.97
C LYS C 209 -55.19 -4.18 9.88
N VAL C 210 -54.84 -4.23 11.16
CA VAL C 210 -55.47 -5.12 12.13
C VAL C 210 -56.11 -4.26 13.22
N ASP C 211 -57.43 -4.40 13.37
CA ASP C 211 -58.21 -3.61 14.32
C ASP C 211 -59.28 -4.49 14.94
N LYS C 212 -59.12 -4.81 16.23
CA LYS C 212 -60.18 -5.43 17.02
C LYS C 212 -60.12 -4.93 18.46
N LYS C 213 -61.27 -5.03 19.13
CA LYS C 213 -61.45 -4.48 20.47
C LYS C 213 -60.94 -5.44 21.53
N VAL C 214 -60.34 -4.89 22.58
CA VAL C 214 -59.89 -5.65 23.73
C VAL C 214 -60.84 -5.37 24.89
N GLU C 215 -61.27 -6.42 25.58
CA GLU C 215 -62.23 -6.32 26.66
C GLU C 215 -61.74 -7.10 27.87
N PRO C 216 -62.11 -6.68 29.09
CA PRO C 216 -61.72 -7.41 30.30
C PRO C 216 -62.49 -8.72 30.48
N GLU D 1 35.14 -9.75 -9.61
CA GLU D 1 33.86 -10.45 -9.63
C GLU D 1 32.96 -9.96 -8.50
N VAL D 2 31.66 -10.22 -8.64
CA VAL D 2 30.67 -9.84 -7.64
C VAL D 2 29.89 -11.08 -7.22
N GLN D 3 29.70 -11.24 -5.91
CA GLN D 3 28.98 -12.39 -5.37
C GLN D 3 28.31 -11.99 -4.07
N LEU D 4 27.30 -12.76 -3.69
CA LEU D 4 26.55 -12.54 -2.46
C LEU D 4 26.44 -13.84 -1.69
N VAL D 5 26.36 -13.73 -0.37
CA VAL D 5 26.25 -14.87 0.51
C VAL D 5 25.08 -14.65 1.46
N GLU D 6 24.50 -15.75 1.94
CA GLU D 6 23.37 -15.70 2.86
C GLU D 6 23.56 -16.72 3.96
N SER D 7 22.88 -16.49 5.08
CA SER D 7 22.96 -17.37 6.23
C SER D 7 21.61 -17.43 6.92
N GLY D 8 21.41 -18.49 7.68
CA GLY D 8 20.17 -18.69 8.41
C GLY D 8 19.34 -19.81 7.80
N GLY D 9 18.63 -20.53 8.67
CA GLY D 9 17.78 -21.63 8.22
C GLY D 9 17.87 -22.84 9.11
N GLY D 10 16.74 -23.50 9.34
CA GLY D 10 16.71 -24.69 10.16
C GLY D 10 15.38 -25.39 10.05
N LEU D 11 15.37 -26.64 10.52
CA LEU D 11 14.16 -27.47 10.51
C LEU D 11 13.38 -27.22 11.79
N VAL D 12 12.28 -26.50 11.68
CA VAL D 12 11.43 -26.15 12.82
C VAL D 12 10.00 -26.57 12.52
N GLN D 13 9.32 -27.07 13.54
CA GLN D 13 7.92 -27.45 13.38
C GLN D 13 7.10 -26.23 12.98
N PRO D 14 6.18 -26.37 12.03
CA PRO D 14 5.40 -25.20 11.57
C PRO D 14 4.61 -24.57 12.70
N GLY D 15 4.55 -23.23 12.66
CA GLY D 15 3.90 -22.45 13.70
C GLY D 15 4.81 -21.46 14.39
N ARG D 16 6.12 -21.70 14.39
CA ARG D 16 7.08 -20.81 15.01
C ARG D 16 7.54 -19.77 13.98
N SER D 17 8.59 -19.01 14.33
CA SER D 17 9.14 -17.99 13.46
C SER D 17 10.60 -18.29 13.18
N LEU D 18 11.01 -18.13 11.93
CA LEU D 18 12.37 -18.38 11.49
C LEU D 18 13.09 -17.07 11.20
N ARG D 19 14.43 -17.12 11.28
CA ARG D 19 15.27 -15.96 11.05
C ARG D 19 16.35 -16.31 10.04
N LEU D 20 16.64 -15.37 9.15
CA LEU D 20 17.68 -15.56 8.14
C LEU D 20 18.12 -14.19 7.64
N SER D 21 19.23 -14.17 6.91
CA SER D 21 19.77 -12.95 6.36
C SER D 21 20.48 -13.24 5.05
N CYS D 22 20.63 -12.21 4.23
CA CYS D 22 21.33 -12.30 2.95
C CYS D 22 22.35 -11.16 2.89
N ALA D 23 23.62 -11.50 3.06
CA ALA D 23 24.66 -10.48 3.13
C ALA D 23 24.89 -9.85 1.76
N ALA D 24 25.15 -8.54 1.76
CA ALA D 24 25.45 -7.77 0.57
C ALA D 24 26.65 -6.85 0.82
N SER D 25 27.71 -7.44 1.37
CA SER D 25 28.87 -6.65 1.79
C SER D 25 29.51 -5.91 0.62
N GLY D 26 29.98 -6.64 -0.38
CA GLY D 26 30.69 -6.02 -1.48
C GLY D 26 29.80 -5.66 -2.65
N PHE D 27 29.34 -4.42 -2.70
CA PHE D 27 28.53 -3.87 -3.79
C PHE D 27 28.27 -2.41 -3.46
N THR D 28 27.74 -1.68 -4.45
CA THR D 28 27.33 -0.30 -4.21
C THR D 28 26.16 -0.24 -3.24
N PHE D 29 25.11 -1.02 -3.51
CA PHE D 29 23.95 -1.13 -2.64
C PHE D 29 23.34 0.25 -2.38
N ASN D 30 23.23 1.04 -3.46
CA ASN D 30 22.64 2.37 -3.37
C ASN D 30 21.60 2.66 -4.44
N ASP D 31 21.67 2.03 -5.62
CA ASP D 31 20.75 2.31 -6.71
C ASP D 31 20.20 1.04 -7.33
N TYR D 32 19.97 0.01 -6.52
CA TYR D 32 19.45 -1.26 -7.01
C TYR D 32 18.40 -1.80 -6.05
N ALA D 33 17.49 -2.60 -6.58
CA ALA D 33 16.40 -3.20 -5.81
C ALA D 33 16.55 -4.72 -5.83
N MET D 34 16.44 -5.33 -4.67
CA MET D 34 16.58 -6.77 -4.53
C MET D 34 15.29 -7.49 -4.91
N HIS D 35 15.41 -8.79 -5.15
CA HIS D 35 14.27 -9.63 -5.53
C HIS D 35 14.34 -10.94 -4.75
N TRP D 36 13.18 -11.57 -4.61
CA TRP D 36 13.04 -12.85 -3.92
C TRP D 36 12.34 -13.84 -4.83
N VAL D 37 12.81 -15.08 -4.83
CA VAL D 37 12.23 -16.13 -5.66
C VAL D 37 12.49 -17.48 -5.00
N ARG D 38 11.59 -18.42 -5.26
CA ARG D 38 11.71 -19.78 -4.75
C ARG D 38 11.40 -20.77 -5.87
N GLN D 39 11.96 -21.97 -5.75
CA GLN D 39 11.73 -23.02 -6.72
C GLN D 39 11.55 -24.35 -6.00
N ALA D 40 10.53 -25.10 -6.42
CA ALA D 40 10.27 -26.43 -5.88
C ALA D 40 11.21 -27.46 -6.51
N PRO D 41 11.51 -28.54 -5.79
CA PRO D 41 12.38 -29.59 -6.37
C PRO D 41 11.67 -30.33 -7.48
N GLY D 42 12.22 -30.25 -8.69
CA GLY D 42 11.63 -30.90 -9.84
C GLY D 42 10.49 -30.13 -10.49
N LYS D 43 10.14 -28.96 -9.98
CA LYS D 43 9.07 -28.14 -10.53
C LYS D 43 9.60 -26.76 -10.89
N GLY D 44 8.70 -25.89 -11.32
CA GLY D 44 9.08 -24.53 -11.69
C GLY D 44 9.27 -23.64 -10.49
N LEU D 45 9.69 -22.40 -10.77
CA LEU D 45 9.94 -21.41 -9.74
C LEU D 45 8.78 -20.43 -9.67
N GLU D 46 8.54 -19.91 -8.45
CA GLU D 46 7.40 -19.05 -8.19
C GLU D 46 7.87 -17.77 -7.50
N TRP D 47 7.23 -16.66 -7.85
CA TRP D 47 7.53 -15.37 -7.21
C TRP D 47 7.17 -15.40 -5.73
N VAL D 48 7.93 -14.65 -4.95
CA VAL D 48 7.70 -14.56 -3.51
C VAL D 48 7.40 -13.12 -3.12
N SER D 49 8.36 -12.23 -3.32
CA SER D 49 8.20 -10.83 -2.96
C SER D 49 9.26 -10.01 -3.70
N THR D 50 9.07 -8.70 -3.67
CA THR D 50 10.01 -7.78 -4.31
C THR D 50 9.90 -6.43 -3.62
N ILE D 51 11.05 -5.88 -3.22
CA ILE D 51 11.11 -4.60 -2.54
C ILE D 51 11.75 -3.58 -3.48
N SER D 52 11.34 -2.32 -3.32
CA SER D 52 11.87 -1.23 -4.12
C SER D 52 13.20 -0.76 -3.52
N TRP D 53 13.87 0.14 -4.25
CA TRP D 53 15.16 0.66 -3.79
C TRP D 53 15.00 1.62 -2.62
N ASN D 54 13.80 2.15 -2.39
CA ASN D 54 13.56 3.08 -1.29
C ASN D 54 12.27 2.76 -0.57
N SER D 55 11.75 1.54 -0.74
CA SER D 55 10.51 1.09 -0.10
C SER D 55 9.35 2.05 -0.39
N GLY D 56 9.14 2.31 -1.68
CA GLY D 56 8.07 3.19 -2.11
C GLY D 56 6.99 2.48 -2.88
N SER D 57 7.29 1.30 -3.41
CA SER D 57 6.36 0.51 -4.20
C SER D 57 6.38 -0.95 -3.74
N ILE D 58 6.28 -1.15 -2.43
CA ILE D 58 6.32 -2.50 -1.88
C ILE D 58 5.09 -3.26 -2.30
N GLY D 59 5.28 -4.48 -2.81
CA GLY D 59 4.20 -5.33 -3.24
C GLY D 59 4.35 -6.74 -2.69
N TYR D 60 3.35 -7.56 -2.98
CA TYR D 60 3.35 -8.95 -2.52
C TYR D 60 2.64 -9.81 -3.54
N ALA D 61 2.92 -11.11 -3.49
CA ALA D 61 2.35 -12.07 -4.42
C ALA D 61 1.00 -12.59 -3.90
N ASP D 62 0.42 -13.52 -4.65
CA ASP D 62 -0.87 -14.09 -4.28
C ASP D 62 -0.74 -15.07 -3.11
N SER D 63 0.38 -15.80 -3.05
CA SER D 63 0.54 -16.83 -2.03
C SER D 63 0.51 -16.25 -0.62
N VAL D 64 1.17 -15.10 -0.43
CA VAL D 64 1.24 -14.46 0.88
C VAL D 64 0.58 -13.09 0.77
N LYS D 65 -0.41 -12.84 1.64
CA LYS D 65 -1.11 -11.56 1.68
C LYS D 65 -1.16 -11.10 3.13
N GLY D 66 -0.39 -10.06 3.44
CA GLY D 66 -0.36 -9.54 4.81
C GLY D 66 0.19 -10.51 5.82
N ARG D 67 1.19 -11.30 5.44
CA ARG D 67 1.80 -12.27 6.35
C ARG D 67 3.33 -12.25 6.33
N PHE D 68 3.96 -11.61 5.36
CA PHE D 68 5.40 -11.52 5.28
C PHE D 68 5.83 -10.07 5.35
N THR D 69 6.89 -9.81 6.12
CA THR D 69 7.41 -8.45 6.31
C THR D 69 8.89 -8.42 5.94
N ILE D 70 9.29 -7.38 5.22
CA ILE D 70 10.67 -7.16 4.83
C ILE D 70 11.04 -5.72 5.12
N SER D 71 12.34 -5.47 5.29
CA SER D 71 12.83 -4.15 5.63
C SER D 71 14.23 -3.97 5.08
N ARG D 72 14.65 -2.71 4.95
CA ARG D 72 15.98 -2.36 4.49
C ARG D 72 16.56 -1.28 5.39
N ASP D 73 17.89 -1.23 5.46
CA ASP D 73 18.58 -0.28 6.32
C ASP D 73 19.45 0.71 5.56
N ASN D 74 19.96 0.35 4.38
CA ASN D 74 20.79 1.17 3.51
C ASN D 74 22.15 1.49 4.14
N ALA D 75 22.44 1.00 5.33
CA ALA D 75 23.71 1.25 6.00
C ALA D 75 24.52 -0.02 6.23
N LYS D 76 23.92 -1.04 6.83
CA LYS D 76 24.62 -2.29 7.12
C LYS D 76 24.78 -3.17 5.89
N LYS D 77 24.08 -2.87 4.80
CA LYS D 77 24.12 -3.67 3.58
C LYS D 77 23.72 -5.12 3.86
N SER D 78 22.74 -5.31 4.72
CA SER D 78 22.22 -6.62 5.08
C SER D 78 20.72 -6.65 4.85
N LEU D 79 20.25 -7.69 4.17
CA LEU D 79 18.83 -7.87 3.87
C LEU D 79 18.34 -9.14 4.55
N TYR D 80 17.21 -9.05 5.23
CA TYR D 80 16.63 -10.16 5.97
C TYR D 80 15.14 -10.25 5.68
N LEU D 81 14.61 -11.46 5.84
CA LEU D 81 13.19 -11.73 5.65
C LEU D 81 12.59 -12.14 6.98
N GLN D 82 11.46 -11.53 7.34
CA GLN D 82 10.78 -11.80 8.59
C GLN D 82 9.42 -12.43 8.31
N MET D 83 9.17 -13.60 8.90
CA MET D 83 7.90 -14.29 8.77
C MET D 83 7.52 -14.91 10.10
N ASN D 84 6.21 -15.02 10.32
CA ASN D 84 5.69 -15.59 11.57
C ASN D 84 4.57 -16.60 11.37
N SER D 85 3.97 -16.69 10.19
CA SER D 85 2.89 -17.63 9.95
C SER D 85 3.45 -19.01 9.62
N LEU D 86 2.56 -19.96 9.35
CA LEU D 86 2.94 -21.32 9.01
C LEU D 86 2.41 -21.66 7.63
N ARG D 87 3.24 -22.36 6.84
CA ARG D 87 2.89 -22.79 5.50
C ARG D 87 3.17 -24.28 5.35
N ALA D 88 2.62 -24.87 4.30
CA ALA D 88 2.71 -26.32 4.10
C ALA D 88 3.45 -26.73 2.83
N GLU D 89 3.50 -25.89 1.80
CA GLU D 89 4.08 -26.30 0.52
C GLU D 89 5.19 -25.38 0.03
N ASP D 90 5.06 -24.07 0.21
CA ASP D 90 6.00 -23.12 -0.40
C ASP D 90 7.24 -22.90 0.46
N THR D 91 7.86 -24.02 0.88
CA THR D 91 9.17 -24.00 1.56
C THR D 91 10.05 -25.05 0.90
N ALA D 92 10.69 -24.68 -0.21
CA ALA D 92 11.66 -25.55 -0.85
C ALA D 92 13.05 -24.93 -0.90
N LEU D 93 13.19 -23.76 -1.54
CA LEU D 93 14.48 -23.10 -1.68
C LEU D 93 14.28 -21.60 -1.56
N TYR D 94 15.33 -20.90 -1.16
CA TYR D 94 15.35 -19.45 -1.09
C TYR D 94 16.50 -18.92 -1.95
N TYR D 95 16.35 -17.68 -2.42
CA TYR D 95 17.32 -17.10 -3.33
C TYR D 95 17.39 -15.60 -3.12
N CYS D 96 18.50 -15.01 -3.58
CA CYS D 96 18.71 -13.58 -3.57
C CYS D 96 19.12 -13.11 -4.95
N ALA D 97 18.70 -11.90 -5.31
CA ALA D 97 19.01 -11.33 -6.62
C ALA D 97 18.98 -9.82 -6.53
N LYS D 98 19.61 -9.18 -7.51
CA LYS D 98 19.65 -7.73 -7.61
C LYS D 98 19.30 -7.32 -9.04
N ASP D 99 18.49 -6.28 -9.16
CA ASP D 99 17.99 -5.85 -10.46
C ASP D 99 19.08 -5.08 -11.22
N ILE D 100 18.75 -4.72 -12.47
CA ILE D 100 19.68 -4.00 -13.33
C ILE D 100 19.09 -2.71 -13.86
N GLN D 101 17.80 -2.45 -13.62
CA GLN D 101 17.14 -1.29 -14.20
C GLN D 101 17.81 0.02 -13.77
N TYR D 102 17.97 0.92 -14.74
CA TYR D 102 18.57 2.23 -14.50
C TYR D 102 18.30 3.17 -15.68
N GLY D 103 17.69 4.32 -15.40
CA GLY D 103 17.47 5.31 -16.44
C GLY D 103 16.20 5.09 -17.23
N ASN D 104 16.34 4.54 -18.43
CA ASN D 104 15.21 4.35 -19.33
C ASN D 104 14.47 3.06 -18.99
N TYR D 105 13.55 2.64 -19.87
CA TYR D 105 12.67 1.51 -19.62
C TYR D 105 13.41 0.21 -19.95
N TYR D 106 14.27 -0.21 -19.01
CA TYR D 106 14.95 -1.49 -19.08
C TYR D 106 14.62 -2.26 -17.81
N TYR D 107 14.35 -3.56 -17.96
CA TYR D 107 13.89 -4.38 -16.84
C TYR D 107 14.70 -5.67 -16.77
N GLY D 108 14.78 -6.23 -15.57
CA GLY D 108 15.46 -7.48 -15.35
C GLY D 108 16.42 -7.40 -14.17
N MET D 109 17.00 -8.56 -13.85
CA MET D 109 18.00 -8.69 -12.81
C MET D 109 19.22 -9.41 -13.36
N ASP D 110 20.40 -9.08 -12.81
CA ASP D 110 21.67 -9.56 -13.34
C ASP D 110 22.41 -10.46 -12.37
N VAL D 111 22.61 -10.01 -11.12
CA VAL D 111 23.43 -10.73 -10.16
C VAL D 111 22.55 -11.62 -9.30
N TRP D 112 22.91 -12.90 -9.19
CA TRP D 112 22.23 -13.86 -8.34
C TRP D 112 23.17 -14.31 -7.23
N GLY D 113 22.65 -15.12 -6.32
CA GLY D 113 23.38 -15.59 -5.17
C GLY D 113 23.28 -17.09 -5.02
N GLN D 114 23.47 -17.53 -3.77
CA GLN D 114 23.44 -18.94 -3.41
C GLN D 114 22.09 -19.30 -2.80
N GLY D 115 21.65 -20.53 -3.04
CA GLY D 115 20.35 -20.99 -2.57
C GLY D 115 20.47 -21.77 -1.27
N THR D 116 19.46 -21.60 -0.41
CA THR D 116 19.37 -22.30 0.85
C THR D 116 18.02 -22.98 0.96
N THR D 117 18.01 -24.22 1.44
CA THR D 117 16.80 -25.02 1.52
C THR D 117 16.29 -25.07 2.95
N VAL D 118 14.97 -24.90 3.09
CA VAL D 118 14.28 -25.00 4.37
C VAL D 118 13.01 -25.81 4.17
N THR D 119 12.66 -26.64 5.15
CA THR D 119 11.49 -27.49 5.04
C THR D 119 10.98 -27.83 6.43
N VAL D 120 9.74 -28.30 6.48
CA VAL D 120 9.08 -28.70 7.72
C VAL D 120 8.76 -30.18 7.63
N SER D 121 9.05 -30.91 8.71
CA SER D 121 8.83 -32.35 8.75
C SER D 121 7.77 -32.78 9.77
N SER D 122 7.67 -32.10 10.91
CA SER D 122 6.71 -32.45 11.96
C SER D 122 6.89 -33.89 12.42
N ALA D 123 8.15 -34.32 12.52
CA ALA D 123 8.48 -35.67 12.95
C ALA D 123 9.84 -35.65 13.62
N SER D 124 10.41 -36.83 13.84
CA SER D 124 11.70 -36.98 14.49
C SER D 124 12.59 -37.88 13.65
N THR D 125 13.91 -37.70 13.80
CA THR D 125 14.87 -38.49 13.07
C THR D 125 14.86 -39.94 13.56
N LYS D 126 15.19 -40.86 12.66
CA LYS D 126 15.22 -42.28 12.96
C LYS D 126 16.50 -42.89 12.39
N GLY D 127 17.07 -43.85 13.12
CA GLY D 127 18.25 -44.54 12.69
C GLY D 127 18.03 -45.30 11.40
N PRO D 128 19.02 -45.25 10.50
CA PRO D 128 18.87 -45.92 9.20
C PRO D 128 18.75 -47.43 9.34
N SER D 129 17.96 -48.02 8.43
CA SER D 129 17.77 -49.47 8.37
C SER D 129 18.14 -49.95 6.98
N VAL D 130 18.84 -51.09 6.93
CA VAL D 130 19.35 -51.65 5.69
C VAL D 130 18.71 -53.02 5.46
N PHE D 131 18.34 -53.28 4.21
CA PHE D 131 17.78 -54.57 3.81
C PHE D 131 18.63 -55.12 2.68
N PRO D 132 19.25 -56.29 2.85
CA PRO D 132 20.11 -56.83 1.81
C PRO D 132 19.33 -57.20 0.55
N LEU D 133 20.01 -57.09 -0.58
CA LEU D 133 19.46 -57.43 -1.89
C LEU D 133 20.30 -58.55 -2.48
N ALA D 134 19.93 -59.80 -2.16
CA ALA D 134 20.69 -60.94 -2.64
C ALA D 134 20.53 -61.10 -4.15
N PRO D 135 21.62 -61.32 -4.88
CA PRO D 135 21.51 -61.51 -6.32
C PRO D 135 20.81 -62.83 -6.65
N GLY D 136 20.17 -62.84 -7.82
CA GLY D 136 19.45 -64.01 -8.29
C GLY D 136 20.37 -65.15 -8.69
N GLY D 137 26.35 -64.40 -18.96
CA GLY D 137 25.32 -63.40 -18.75
C GLY D 137 25.69 -62.39 -17.68
N THR D 138 24.68 -61.72 -17.14
CA THR D 138 24.88 -60.71 -16.11
C THR D 138 23.76 -60.81 -15.08
N ALA D 139 24.04 -60.30 -13.88
CA ALA D 139 23.08 -60.31 -12.79
C ALA D 139 22.95 -58.92 -12.19
N ALA D 140 21.80 -58.66 -11.58
CA ALA D 140 21.50 -57.37 -10.97
C ALA D 140 21.44 -57.53 -9.46
N LEU D 141 22.19 -56.69 -8.74
CA LEU D 141 22.23 -56.75 -7.28
C LEU D 141 22.68 -55.39 -6.77
N GLY D 142 22.42 -55.16 -5.48
CA GLY D 142 22.79 -53.90 -4.88
C GLY D 142 22.51 -53.90 -3.39
N CYS D 143 22.43 -52.69 -2.83
CA CYS D 143 22.14 -52.50 -1.42
C CYS D 143 20.96 -51.56 -1.27
N LEU D 144 20.11 -51.83 -0.27
CA LEU D 144 18.89 -51.07 -0.04
C LEU D 144 18.92 -50.50 1.38
N VAL D 145 18.65 -49.20 1.48
CA VAL D 145 18.62 -48.49 2.75
C VAL D 145 17.23 -47.91 2.96
N LYS D 146 16.73 -47.99 4.19
CA LYS D 146 15.38 -47.59 4.51
C LYS D 146 15.35 -46.90 5.87
N ASP D 147 14.35 -46.05 6.07
CA ASP D 147 14.08 -45.41 7.36
C ASP D 147 15.25 -44.54 7.80
N TYR D 148 15.57 -43.54 6.98
CA TYR D 148 16.66 -42.62 7.28
C TYR D 148 16.14 -41.19 7.26
N PHE D 149 16.69 -40.38 8.17
CA PHE D 149 16.31 -38.97 8.30
C PHE D 149 17.32 -38.25 9.18
N PRO D 150 17.72 -37.02 8.85
CA PRO D 150 17.30 -36.28 7.67
C PRO D 150 18.29 -36.36 6.50
N GLU D 151 18.09 -35.53 5.49
CA GLU D 151 18.94 -35.51 4.32
C GLU D 151 20.31 -34.94 4.67
N PRO D 152 21.36 -35.30 3.91
CA PRO D 152 21.37 -36.26 2.80
C PRO D 152 21.98 -37.61 3.17
N VAL D 153 21.97 -38.54 2.23
CA VAL D 153 22.55 -39.88 2.42
C VAL D 153 23.43 -40.19 1.22
N THR D 154 24.67 -40.60 1.48
CA THR D 154 25.62 -40.97 0.44
C THR D 154 25.94 -42.45 0.57
N VAL D 155 25.85 -43.18 -0.54
CA VAL D 155 26.10 -44.62 -0.58
C VAL D 155 27.22 -44.89 -1.59
N SER D 156 28.23 -45.63 -1.15
CA SER D 156 29.35 -46.00 -2.01
C SER D 156 29.66 -47.47 -1.84
N TRP D 157 30.27 -48.06 -2.87
CA TRP D 157 30.64 -49.47 -2.89
C TRP D 157 32.14 -49.61 -2.83
N ASN D 158 32.62 -50.46 -1.91
CA ASN D 158 34.04 -50.72 -1.73
C ASN D 158 34.82 -49.43 -1.44
N SER D 159 34.19 -48.53 -0.68
CA SER D 159 34.78 -47.25 -0.31
C SER D 159 35.20 -46.44 -1.54
N GLY D 160 34.37 -46.49 -2.58
CA GLY D 160 34.64 -45.74 -3.80
C GLY D 160 35.62 -46.39 -4.76
N ALA D 161 36.06 -47.62 -4.48
CA ALA D 161 37.01 -48.28 -5.37
C ALA D 161 36.38 -48.67 -6.70
N LEU D 162 35.06 -48.83 -6.75
CA LEU D 162 34.35 -49.20 -7.97
C LEU D 162 33.59 -47.98 -8.49
N THR D 163 33.80 -47.68 -9.78
CA THR D 163 33.13 -46.55 -10.40
C THR D 163 32.37 -46.92 -11.67
N SER D 164 32.32 -48.19 -12.04
CA SER D 164 31.64 -48.64 -13.24
C SER D 164 30.34 -49.36 -12.86
N GLY D 165 29.25 -48.98 -13.51
CA GLY D 165 27.96 -49.61 -13.25
C GLY D 165 27.24 -49.10 -12.03
N VAL D 166 27.67 -48.00 -11.44
CA VAL D 166 27.01 -47.45 -10.26
C VAL D 166 25.71 -46.77 -10.68
N HIS D 167 24.65 -47.00 -9.90
CA HIS D 167 23.35 -46.40 -10.17
C HIS D 167 22.70 -46.01 -8.85
N THR D 168 21.98 -44.89 -8.85
CA THR D 168 21.29 -44.42 -7.67
C THR D 168 20.04 -43.67 -8.09
N PHE D 169 19.10 -43.53 -7.15
CA PHE D 169 17.85 -42.86 -7.41
C PHE D 169 17.58 -41.82 -6.33
N PRO D 170 16.93 -40.72 -6.69
CA PRO D 170 16.55 -39.73 -5.67
C PRO D 170 15.47 -40.27 -4.75
N ALA D 171 15.45 -39.73 -3.53
CA ALA D 171 14.46 -40.15 -2.54
C ALA D 171 13.06 -39.75 -2.99
N VAL D 172 12.11 -40.65 -2.75
CA VAL D 172 10.72 -40.46 -3.15
C VAL D 172 9.93 -39.92 -1.96
N LEU D 173 8.99 -39.01 -2.25
CA LEU D 173 8.17 -38.38 -1.22
C LEU D 173 6.99 -39.31 -0.90
N GLN D 174 6.83 -39.64 0.38
CA GLN D 174 5.74 -40.49 0.85
C GLN D 174 4.77 -39.66 1.67
N SER D 175 3.57 -40.23 1.87
CA SER D 175 2.51 -39.50 2.56
C SER D 175 2.90 -39.18 4.01
N SER D 176 3.47 -40.16 4.71
CA SER D 176 3.86 -39.93 6.09
C SER D 176 5.06 -38.99 6.19
N GLY D 177 6.02 -39.13 5.28
CA GLY D 177 7.20 -38.29 5.30
C GLY D 177 8.48 -39.10 5.41
N LEU D 178 8.43 -40.38 5.05
CA LEU D 178 9.56 -41.27 5.12
C LEU D 178 10.05 -41.59 3.71
N TYR D 179 11.35 -41.41 3.49
CA TYR D 179 11.93 -41.56 2.17
C TYR D 179 12.56 -42.95 1.99
N SER D 180 12.74 -43.34 0.73
CA SER D 180 13.31 -44.63 0.41
C SER D 180 13.93 -44.55 -0.98
N LEU D 181 15.05 -45.26 -1.16
CA LEU D 181 15.73 -45.32 -2.44
C LEU D 181 16.41 -46.67 -2.58
N SER D 182 16.68 -47.05 -3.82
CA SER D 182 17.32 -48.33 -4.13
C SER D 182 18.50 -48.10 -5.06
N SER D 183 19.56 -48.88 -4.85
CA SER D 183 20.76 -48.82 -5.66
C SER D 183 21.07 -50.20 -6.20
N VAL D 184 21.32 -50.27 -7.52
CA VAL D 184 21.62 -51.52 -8.20
C VAL D 184 22.88 -51.33 -9.03
N VAL D 185 23.83 -52.25 -8.89
CA VAL D 185 25.09 -52.21 -9.63
C VAL D 185 25.13 -53.41 -10.56
N THR D 186 25.38 -53.15 -11.85
CA THR D 186 25.44 -54.22 -12.85
C THR D 186 26.75 -54.97 -12.70
N VAL D 187 26.67 -56.24 -12.32
CA VAL D 187 27.84 -57.09 -12.13
C VAL D 187 27.70 -58.36 -12.95
N PRO D 188 28.70 -58.74 -13.73
CA PRO D 188 28.61 -60.00 -14.48
C PRO D 188 28.55 -61.20 -13.56
N SER D 189 27.89 -62.26 -14.04
CA SER D 189 27.69 -63.46 -13.25
C SER D 189 29.00 -64.20 -12.96
N SER D 190 30.07 -63.89 -13.70
CA SER D 190 31.35 -64.54 -13.51
C SER D 190 32.27 -63.78 -12.56
N SER D 191 31.81 -62.69 -11.96
CA SER D 191 32.61 -61.86 -11.07
C SER D 191 31.85 -61.55 -9.79
N LEU D 192 31.23 -62.57 -9.20
CA LEU D 192 30.52 -62.40 -7.94
C LEU D 192 31.03 -63.36 -6.89
N GLY D 193 31.49 -64.54 -7.30
CA GLY D 193 31.98 -65.55 -6.40
C GLY D 193 33.45 -65.44 -6.03
N THR D 194 34.15 -64.41 -6.50
CA THR D 194 35.56 -64.24 -6.20
C THR D 194 35.90 -62.91 -5.54
N GLN D 195 35.01 -61.92 -5.59
CA GLN D 195 35.26 -60.61 -5.00
C GLN D 195 34.13 -60.25 -4.04
N THR D 196 34.50 -59.71 -2.88
CA THR D 196 33.54 -59.32 -1.87
C THR D 196 33.07 -57.89 -2.12
N TYR D 197 31.75 -57.73 -2.21
CA TYR D 197 31.12 -56.44 -2.46
C TYR D 197 30.48 -55.93 -1.16
N ILE D 198 30.85 -54.72 -0.76
CA ILE D 198 30.36 -54.11 0.48
C ILE D 198 29.63 -52.82 0.14
N CYS D 199 28.51 -52.60 0.83
CA CYS D 199 27.72 -51.39 0.68
C CYS D 199 27.78 -50.59 1.97
N ASN D 200 28.02 -49.29 1.85
CA ASN D 200 28.18 -48.40 3.00
C ASN D 200 27.19 -47.25 2.90
N VAL D 201 26.60 -46.89 4.04
CA VAL D 201 25.69 -45.76 4.15
C VAL D 201 26.25 -44.78 5.17
N ASN D 202 26.26 -43.50 4.81
CA ASN D 202 26.81 -42.45 5.66
C ASN D 202 25.72 -41.46 6.02
N HIS D 203 25.69 -41.06 7.29
CA HIS D 203 24.68 -40.13 7.79
C HIS D 203 25.32 -39.27 8.88
N LYS D 204 25.58 -38.01 8.56
CA LYS D 204 26.20 -37.10 9.53
C LYS D 204 25.34 -36.86 10.76
N PRO D 205 24.04 -36.53 10.65
CA PRO D 205 23.28 -36.23 11.87
C PRO D 205 23.21 -37.38 12.86
N SER D 206 23.13 -38.62 12.38
CA SER D 206 23.03 -39.79 13.25
C SER D 206 24.37 -40.43 13.57
N ASN D 207 25.41 -40.13 12.78
CA ASN D 207 26.74 -40.71 12.97
C ASN D 207 26.69 -42.24 12.99
N THR D 208 25.90 -42.80 12.09
CA THR D 208 25.71 -44.24 11.99
C THR D 208 26.42 -44.76 10.76
N LYS D 209 27.24 -45.81 10.95
CA LYS D 209 27.95 -46.47 9.87
C LYS D 209 27.51 -47.93 9.85
N VAL D 210 26.92 -48.36 8.74
CA VAL D 210 26.36 -49.70 8.60
C VAL D 210 27.08 -50.41 7.47
N ASP D 211 27.74 -51.53 7.80
CA ASP D 211 28.53 -52.29 6.83
C ASP D 211 28.35 -53.78 7.10
N LYS D 212 27.65 -54.47 6.20
CA LYS D 212 27.61 -55.92 6.19
C LYS D 212 27.55 -56.44 4.76
N LYS D 213 27.97 -57.69 4.60
CA LYS D 213 28.13 -58.32 3.29
C LYS D 213 26.81 -58.90 2.81
N VAL D 214 26.55 -58.77 1.50
CA VAL D 214 25.39 -59.37 0.85
C VAL D 214 25.86 -60.57 0.05
N GLU D 215 25.14 -61.68 0.17
CA GLU D 215 25.50 -62.93 -0.49
C GLU D 215 24.28 -63.52 -1.17
N PRO D 216 24.47 -64.28 -2.26
CA PRO D 216 23.36 -64.92 -2.96
C PRO D 216 22.80 -66.12 -2.20
N GLU E 1 -4.52 -13.92 -13.34
CA GLU E 1 -4.48 -12.82 -14.29
C GLU E 1 -3.79 -13.24 -15.59
N ILE E 2 -2.58 -12.76 -15.80
CA ILE E 2 -1.81 -13.09 -17.00
C ILE E 2 -1.26 -14.50 -16.87
N VAL E 3 -1.49 -15.32 -17.89
CA VAL E 3 -1.03 -16.70 -17.93
C VAL E 3 -0.20 -16.91 -19.19
N LEU E 4 0.94 -17.57 -19.03
CA LEU E 4 1.87 -17.82 -20.12
C LEU E 4 1.82 -19.29 -20.53
N THR E 5 1.78 -19.52 -21.84
CA THR E 5 1.86 -20.86 -22.41
C THR E 5 3.18 -21.01 -23.16
N GLN E 6 3.74 -22.21 -23.12
CA GLN E 6 5.04 -22.49 -23.72
C GLN E 6 4.92 -23.59 -24.76
N SER E 7 5.90 -23.63 -25.65
CA SER E 7 5.95 -24.67 -26.67
C SER E 7 6.19 -26.03 -26.02
N PRO E 8 5.67 -27.10 -26.61
CA PRO E 8 5.88 -28.44 -26.04
C PRO E 8 7.36 -28.76 -25.94
N ALA E 9 7.72 -29.44 -24.85
CA ALA E 9 9.11 -29.78 -24.58
C ALA E 9 9.45 -31.12 -25.22
N THR E 10 10.61 -31.67 -24.86
CA THR E 10 11.11 -32.94 -25.41
C THR E 10 11.15 -32.90 -26.93
N LEU E 11 11.59 -31.77 -27.48
CA LEU E 11 11.70 -31.62 -28.93
C LEU E 11 12.87 -32.44 -29.45
N SER E 12 12.64 -33.19 -30.52
CA SER E 12 13.68 -34.01 -31.13
C SER E 12 14.60 -33.09 -31.95
N LEU E 13 15.82 -32.89 -31.47
CA LEU E 13 16.78 -32.01 -32.11
C LEU E 13 17.93 -32.87 -32.62
N SER E 14 17.97 -33.06 -33.93
CA SER E 14 19.09 -33.76 -34.55
C SER E 14 20.34 -32.88 -34.51
N PRO E 15 21.53 -33.49 -34.51
CA PRO E 15 22.76 -32.68 -34.44
C PRO E 15 23.01 -31.88 -35.70
N GLY E 16 22.16 -30.87 -35.94
CA GLY E 16 22.30 -30.03 -37.11
C GLY E 16 22.57 -28.58 -36.76
N GLU E 17 21.74 -27.67 -37.26
CA GLU E 17 21.93 -26.24 -37.02
C GLU E 17 20.69 -25.56 -36.47
N ARG E 18 19.50 -25.97 -36.91
CA ARG E 18 18.27 -25.27 -36.53
C ARG E 18 17.82 -25.67 -35.13
N ALA E 19 17.40 -24.67 -34.36
CA ALA E 19 16.87 -24.90 -33.02
C ALA E 19 15.97 -23.71 -32.67
N THR E 20 14.66 -23.93 -32.66
CA THR E 20 13.70 -22.85 -32.46
C THR E 20 12.54 -23.32 -31.61
N LEU E 21 12.14 -22.48 -30.65
CA LEU E 21 10.95 -22.73 -29.83
C LEU E 21 10.18 -21.42 -29.72
N SER E 22 9.08 -21.45 -28.95
CA SER E 22 8.23 -20.28 -28.83
C SER E 22 7.63 -20.24 -27.43
N CYS E 23 7.21 -19.03 -27.03
CA CYS E 23 6.53 -18.81 -25.76
C CYS E 23 5.45 -17.76 -25.99
N ARG E 24 4.19 -18.17 -25.94
CA ARG E 24 3.06 -17.31 -26.26
C ARG E 24 2.37 -16.83 -24.98
N ALA E 25 1.48 -15.86 -25.16
CA ALA E 25 0.71 -15.29 -24.06
C ALA E 25 -0.72 -15.06 -24.52
N SER E 26 -1.64 -15.05 -23.56
CA SER E 26 -3.05 -14.84 -23.88
C SER E 26 -3.34 -13.37 -24.13
N GLN E 27 -3.10 -12.53 -23.14
CA GLN E 27 -3.30 -11.09 -23.30
C GLN E 27 -2.05 -10.46 -23.93
N SER E 28 -2.28 -9.38 -24.69
CA SER E 28 -1.19 -8.70 -25.37
C SER E 28 -0.21 -8.11 -24.36
N VAL E 29 0.99 -8.69 -24.29
CA VAL E 29 2.03 -8.23 -23.36
C VAL E 29 2.77 -7.06 -23.98
N SER E 30 3.57 -6.37 -23.18
CA SER E 30 4.34 -5.24 -23.67
C SER E 30 5.47 -5.73 -24.59
N SER E 31 6.13 -4.78 -25.25
CA SER E 31 7.16 -5.10 -26.21
C SER E 31 8.37 -5.79 -25.56
N TYR E 32 8.78 -5.33 -24.39
CA TYR E 32 9.98 -5.87 -23.75
C TYR E 32 9.70 -7.26 -23.19
N LEU E 33 10.71 -8.13 -23.27
CA LEU E 33 10.62 -9.48 -22.75
C LEU E 33 11.90 -9.86 -22.01
N ALA E 34 12.03 -11.12 -21.63
CA ALA E 34 13.22 -11.59 -20.92
C ALA E 34 13.33 -13.10 -21.07
N TRP E 35 14.52 -13.57 -21.42
CA TRP E 35 14.84 -14.98 -21.52
C TRP E 35 16.05 -15.29 -20.65
N TYR E 36 15.99 -16.41 -19.94
CA TYR E 36 17.03 -16.78 -18.99
C TYR E 36 17.46 -18.22 -19.21
N GLN E 37 18.70 -18.51 -18.81
CA GLN E 37 19.27 -19.84 -18.91
C GLN E 37 19.42 -20.43 -17.51
N GLN E 38 18.84 -21.61 -17.30
CA GLN E 38 18.86 -22.29 -16.02
C GLN E 38 19.68 -23.57 -16.13
N LYS E 39 20.63 -23.74 -15.21
CA LYS E 39 21.46 -24.93 -15.18
C LYS E 39 21.37 -25.61 -13.82
N PRO E 40 21.43 -26.93 -13.77
CA PRO E 40 21.29 -27.63 -12.48
C PRO E 40 22.62 -27.74 -11.75
N GLY E 41 22.56 -27.60 -10.43
CA GLY E 41 23.70 -27.72 -9.57
C GLY E 41 24.29 -26.40 -9.09
N GLN E 42 23.98 -25.30 -9.77
CA GLN E 42 24.48 -23.99 -9.37
C GLN E 42 23.47 -22.93 -9.81
N ALA E 43 23.82 -21.67 -9.61
CA ALA E 43 22.91 -20.58 -9.92
C ALA E 43 22.74 -20.45 -11.44
N PRO E 44 21.55 -20.07 -11.91
CA PRO E 44 21.34 -19.88 -13.35
C PRO E 44 22.09 -18.67 -13.90
N ARG E 45 22.01 -18.46 -15.21
CA ARG E 45 22.72 -17.37 -15.88
C ARG E 45 21.77 -16.65 -16.83
N LEU E 46 22.05 -15.37 -17.05
CA LEU E 46 21.25 -14.57 -17.97
C LEU E 46 21.49 -15.00 -19.41
N LEU E 47 20.45 -14.88 -20.24
CA LEU E 47 20.53 -15.21 -21.65
C LEU E 47 20.37 -13.99 -22.54
N ILE E 48 19.25 -13.28 -22.44
CA ILE E 48 18.98 -12.10 -23.25
C ILE E 48 17.80 -11.34 -22.65
N TYR E 49 17.84 -10.01 -22.74
CA TYR E 49 16.77 -9.17 -22.25
C TYR E 49 16.35 -8.19 -23.35
N ASP E 50 15.06 -7.84 -23.34
CA ASP E 50 14.42 -6.89 -24.26
C ASP E 50 14.41 -7.39 -25.70
N ALA E 51 14.92 -8.58 -25.98
CA ALA E 51 14.94 -9.17 -27.32
C ALA E 51 15.66 -8.30 -28.34
N SER E 52 16.44 -7.33 -27.89
CA SER E 52 17.18 -6.45 -28.79
C SER E 52 18.62 -6.20 -28.38
N ASN E 53 19.02 -6.53 -27.16
CA ASN E 53 20.37 -6.31 -26.68
C ASN E 53 21.01 -7.65 -26.30
N ARG E 54 22.32 -7.74 -26.52
CA ARG E 54 23.06 -8.96 -26.22
C ARG E 54 23.36 -9.03 -24.72
N ALA E 55 23.96 -10.14 -24.30
CA ALA E 55 24.31 -10.33 -22.90
C ALA E 55 25.49 -9.45 -22.52
N THR E 56 25.58 -9.14 -21.22
CA THR E 56 26.63 -8.30 -20.67
C THR E 56 27.71 -9.20 -20.07
N GLY E 57 28.88 -9.22 -20.70
CA GLY E 57 29.99 -10.03 -20.24
C GLY E 57 29.98 -11.47 -20.71
N ILE E 58 28.90 -11.93 -21.32
CA ILE E 58 28.79 -13.29 -21.83
C ILE E 58 28.59 -13.22 -23.34
N PRO E 59 29.48 -13.81 -24.15
CA PRO E 59 29.24 -13.83 -25.59
C PRO E 59 27.95 -14.57 -25.91
N ALA E 60 27.22 -14.05 -26.90
CA ALA E 60 25.91 -14.57 -27.27
C ALA E 60 25.85 -14.77 -28.78
N ARG E 61 25.71 -16.02 -29.20
CA ARG E 61 25.51 -16.36 -30.60
C ARG E 61 24.04 -16.55 -30.95
N PHE E 62 23.14 -16.32 -30.00
CA PHE E 62 21.71 -16.52 -30.21
C PHE E 62 21.13 -15.37 -31.04
N SER E 63 19.87 -15.55 -31.47
CA SER E 63 19.16 -14.54 -32.25
C SER E 63 17.69 -14.63 -31.88
N GLY E 64 17.27 -13.80 -30.93
CA GLY E 64 15.89 -13.81 -30.47
C GLY E 64 15.24 -12.44 -30.55
N SER E 65 14.04 -12.39 -31.15
CA SER E 65 13.30 -11.15 -31.30
C SER E 65 11.82 -11.50 -31.42
N GLY E 66 11.01 -10.49 -31.79
CA GLY E 66 9.59 -10.70 -31.95
C GLY E 66 8.76 -9.59 -31.32
N SER E 67 7.46 -9.61 -31.58
CA SER E 67 6.55 -8.59 -31.04
C SER E 67 5.15 -9.17 -30.99
N GLY E 68 4.30 -8.51 -30.22
CA GLY E 68 2.91 -8.94 -30.08
C GLY E 68 2.77 -10.20 -29.26
N THR E 69 2.33 -11.29 -29.90
CA THR E 69 2.16 -12.57 -29.23
C THR E 69 3.11 -13.66 -29.73
N ASP E 70 3.72 -13.49 -30.89
CA ASP E 70 4.62 -14.48 -31.46
C ASP E 70 6.07 -13.97 -31.36
N PHE E 71 6.93 -14.80 -30.78
CA PHE E 71 8.35 -14.48 -30.64
C PHE E 71 9.18 -15.67 -31.09
N THR E 72 10.30 -15.38 -31.75
CA THR E 72 11.14 -16.40 -32.35
C THR E 72 12.58 -16.22 -31.90
N LEU E 73 13.22 -17.31 -31.49
CA LEU E 73 14.62 -17.33 -31.14
C LEU E 73 15.27 -18.53 -31.81
N THR E 74 16.52 -18.37 -32.24
CA THR E 74 17.22 -19.42 -32.97
C THR E 74 18.70 -19.40 -32.58
N ILE E 75 19.26 -20.59 -32.35
CA ILE E 75 20.67 -20.75 -32.06
C ILE E 75 21.26 -21.75 -33.04
N SER E 76 22.42 -21.40 -33.60
CA SER E 76 23.09 -22.24 -34.58
C SER E 76 24.30 -22.99 -34.03
N SER E 77 25.04 -22.39 -33.11
CA SER E 77 26.21 -23.04 -32.53
C SER E 77 25.79 -24.22 -31.65
N LEU E 78 26.61 -25.26 -31.65
CA LEU E 78 26.36 -26.47 -30.88
C LEU E 78 27.50 -26.65 -29.89
N GLU E 79 27.26 -26.29 -28.63
CA GLU E 79 28.21 -26.45 -27.54
C GLU E 79 27.76 -27.56 -26.60
N PRO E 80 28.70 -28.22 -25.91
CA PRO E 80 28.34 -29.31 -25.00
C PRO E 80 27.77 -28.86 -23.66
N GLU E 81 27.39 -27.59 -23.50
CA GLU E 81 26.88 -27.10 -22.23
C GLU E 81 25.55 -26.36 -22.38
N ASP E 82 24.93 -26.43 -23.56
CA ASP E 82 23.67 -25.75 -23.79
C ASP E 82 22.45 -26.62 -23.50
N PHE E 83 22.64 -27.90 -23.21
CA PHE E 83 21.53 -28.81 -22.95
C PHE E 83 21.00 -28.56 -21.54
N ALA E 84 19.92 -27.79 -21.46
CA ALA E 84 19.31 -27.45 -20.17
C ALA E 84 17.88 -27.03 -20.43
N VAL E 85 17.20 -26.56 -19.39
CA VAL E 85 15.82 -26.11 -19.50
C VAL E 85 15.80 -24.64 -19.91
N TYR E 86 14.68 -24.22 -20.50
CA TYR E 86 14.48 -22.86 -20.96
C TYR E 86 13.25 -22.27 -20.30
N TYR E 87 13.37 -21.05 -19.78
CA TYR E 87 12.30 -20.37 -19.07
C TYR E 87 11.98 -19.05 -19.75
N CYS E 88 10.68 -18.77 -19.88
CA CYS E 88 10.20 -17.51 -20.43
C CYS E 88 9.26 -16.86 -19.42
N GLN E 89 9.40 -15.54 -19.26
CA GLN E 89 8.63 -14.78 -18.29
C GLN E 89 8.06 -13.53 -18.94
N GLN E 90 7.30 -12.77 -18.16
CA GLN E 90 6.73 -11.51 -18.62
C GLN E 90 6.67 -10.54 -17.45
N ARG E 91 6.64 -9.25 -17.77
CA ARG E 91 6.55 -8.20 -16.77
C ARG E 91 5.55 -7.13 -17.20
N SER E 92 4.39 -7.57 -17.69
CA SER E 92 3.38 -6.62 -18.18
C SER E 92 2.59 -6.02 -17.02
N ASN E 93 2.01 -6.86 -16.17
CA ASN E 93 1.22 -6.40 -15.04
C ASN E 93 1.46 -7.29 -13.84
N TRP E 94 1.58 -6.69 -12.66
CA TRP E 94 1.76 -7.47 -11.44
C TRP E 94 0.46 -8.19 -11.09
N PRO E 95 0.53 -9.42 -10.56
CA PRO E 95 1.77 -10.18 -10.35
C PRO E 95 2.28 -10.83 -11.63
N ILE E 96 3.59 -11.09 -11.69
CA ILE E 96 4.17 -11.71 -12.89
C ILE E 96 3.90 -13.21 -12.88
N THR E 97 3.98 -13.81 -14.06
CA THR E 97 3.77 -15.23 -14.25
C THR E 97 4.99 -15.85 -14.91
N PHE E 98 5.39 -17.03 -14.45
CA PHE E 98 6.55 -17.73 -14.97
C PHE E 98 6.12 -18.92 -15.81
N GLY E 99 7.04 -19.39 -16.64
CA GLY E 99 6.80 -20.52 -17.50
C GLY E 99 6.98 -21.84 -16.77
N GLN E 100 6.91 -22.93 -17.55
CA GLN E 100 7.04 -24.27 -17.03
C GLN E 100 8.41 -24.88 -17.28
N GLY E 101 8.91 -24.78 -18.50
CA GLY E 101 10.25 -25.27 -18.80
C GLY E 101 10.31 -26.25 -19.96
N THR E 102 11.27 -26.03 -20.87
CA THR E 102 11.49 -26.92 -21.99
C THR E 102 12.95 -27.36 -21.98
N ARG E 103 13.17 -28.67 -21.94
CA ARG E 103 14.51 -29.25 -21.88
C ARG E 103 14.83 -29.93 -23.21
N LEU E 104 16.02 -29.66 -23.74
CA LEU E 104 16.45 -30.24 -25.00
C LEU E 104 17.15 -31.57 -24.76
N GLU E 105 17.11 -32.44 -25.77
CA GLU E 105 17.64 -33.79 -25.68
C GLU E 105 18.80 -33.95 -26.69
N ILE E 106 19.37 -35.14 -26.71
CA ILE E 106 20.66 -35.39 -27.36
C ILE E 106 20.53 -36.27 -28.60
N LYS E 107 19.32 -36.76 -28.93
CA LYS E 107 19.10 -37.63 -30.08
C LYS E 107 19.91 -38.92 -29.95
N ARG E 108 19.61 -39.68 -28.91
CA ARG E 108 20.25 -40.96 -28.66
C ARG E 108 19.41 -42.09 -29.26
N THR E 109 20.09 -43.09 -29.82
CA THR E 109 19.39 -44.21 -30.45
C THR E 109 18.66 -45.05 -29.41
N VAL E 110 17.64 -45.77 -29.88
CA VAL E 110 16.84 -46.60 -28.99
C VAL E 110 17.64 -47.82 -28.53
N ALA E 111 17.39 -48.23 -27.29
CA ALA E 111 18.07 -49.38 -26.70
C ALA E 111 17.03 -50.37 -26.19
N ALA E 112 17.40 -51.65 -26.23
CA ALA E 112 16.49 -52.72 -25.80
C ALA E 112 16.42 -52.76 -24.28
N PRO E 113 15.23 -52.64 -23.68
CA PRO E 113 15.12 -52.69 -22.22
C PRO E 113 15.24 -54.11 -21.69
N SER E 114 15.45 -54.20 -20.38
CA SER E 114 15.57 -55.47 -19.68
C SER E 114 14.65 -55.47 -18.47
N VAL E 115 14.36 -56.67 -17.96
CA VAL E 115 13.45 -56.84 -16.84
C VAL E 115 14.11 -57.74 -15.79
N PHE E 116 13.66 -57.58 -14.55
CA PHE E 116 14.15 -58.38 -13.44
C PHE E 116 13.05 -58.51 -12.40
N ILE E 117 13.18 -59.51 -11.54
CA ILE E 117 12.20 -59.80 -10.49
C ILE E 117 12.94 -59.98 -9.17
N PHE E 118 12.25 -59.69 -8.07
CA PHE E 118 12.84 -59.83 -6.75
C PHE E 118 11.75 -60.11 -5.72
N PRO E 119 11.63 -61.34 -5.24
CA PRO E 119 10.63 -61.65 -4.21
C PRO E 119 10.97 -60.98 -2.89
N PRO E 120 9.98 -60.67 -2.07
CA PRO E 120 10.25 -60.04 -0.78
C PRO E 120 11.06 -60.95 0.13
N SER E 121 11.89 -60.32 0.97
CA SER E 121 12.78 -61.04 1.87
C SER E 121 12.14 -61.25 3.22
N ASP E 122 12.71 -62.20 3.98
CA ASP E 122 12.20 -62.48 5.32
C ASP E 122 12.36 -61.28 6.25
N GLU E 123 13.51 -60.62 6.20
CA GLU E 123 13.72 -59.43 7.01
C GLU E 123 12.78 -58.31 6.58
N GLN E 124 12.52 -58.20 5.28
CA GLN E 124 11.59 -57.17 4.80
C GLN E 124 10.17 -57.42 5.32
N LEU E 125 9.70 -58.66 5.22
CA LEU E 125 8.33 -58.95 5.66
C LEU E 125 8.21 -58.90 7.18
N LYS E 126 9.30 -59.21 7.90
CA LYS E 126 9.25 -59.10 9.36
C LYS E 126 9.09 -57.67 9.84
N SER E 127 9.48 -56.69 9.03
CA SER E 127 9.31 -55.29 9.42
C SER E 127 7.85 -54.87 9.36
N GLY E 128 7.07 -55.45 8.45
CA GLY E 128 5.67 -55.13 8.33
C GLY E 128 5.29 -54.63 6.95
N THR E 129 6.11 -54.95 5.95
CA THR E 129 5.84 -54.55 4.57
C THR E 129 6.54 -55.51 3.63
N ALA E 130 6.11 -55.49 2.36
CA ALA E 130 6.70 -56.33 1.33
C ALA E 130 6.69 -55.55 0.03
N SER E 131 7.86 -55.35 -0.56
CA SER E 131 8.00 -54.61 -1.81
C SER E 131 8.68 -55.46 -2.85
N VAL E 132 8.15 -55.44 -4.07
CA VAL E 132 8.72 -56.13 -5.21
C VAL E 132 9.22 -55.09 -6.20
N VAL E 133 10.42 -55.29 -6.75
CA VAL E 133 11.05 -54.33 -7.63
C VAL E 133 11.29 -54.99 -8.99
N CYS E 134 10.89 -54.30 -10.05
CA CYS E 134 11.22 -54.67 -11.42
C CYS E 134 12.16 -53.62 -11.98
N LEU E 135 13.36 -54.04 -12.36
CA LEU E 135 14.40 -53.13 -12.81
C LEU E 135 14.30 -52.92 -14.32
N LEU E 136 14.22 -51.65 -14.72
CA LEU E 136 14.17 -51.25 -16.12
C LEU E 136 15.39 -50.41 -16.43
N ASN E 137 16.11 -50.78 -17.49
CA ASN E 137 17.33 -50.09 -17.87
C ASN E 137 17.53 -50.21 -19.37
N ASN E 138 18.34 -49.29 -19.91
CA ASN E 138 18.68 -49.27 -21.33
C ASN E 138 17.42 -49.15 -22.20
N PHE E 139 16.71 -48.05 -22.00
CA PHE E 139 15.51 -47.76 -22.77
C PHE E 139 15.53 -46.31 -23.22
N TYR E 140 14.85 -46.03 -24.33
CA TYR E 140 14.77 -44.70 -24.89
C TYR E 140 13.44 -44.57 -25.64
N PRO E 141 12.70 -43.46 -25.45
CA PRO E 141 13.06 -42.36 -24.56
C PRO E 141 12.63 -42.59 -23.12
N ARG E 142 12.57 -41.51 -22.33
CA ARG E 142 12.19 -41.64 -20.93
C ARG E 142 10.75 -42.08 -20.76
N GLU E 143 9.89 -41.77 -21.74
CA GLU E 143 8.49 -42.15 -21.65
C GLU E 143 8.33 -43.66 -21.83
N ALA E 144 7.57 -44.28 -20.93
CA ALA E 144 7.34 -45.71 -20.98
C ALA E 144 6.02 -46.02 -20.30
N LYS E 145 5.47 -47.19 -20.60
CA LYS E 145 4.20 -47.66 -20.04
C LYS E 145 4.48 -48.93 -19.23
N VAL E 146 4.50 -48.79 -17.91
CA VAL E 146 4.72 -49.91 -17.00
C VAL E 146 3.58 -49.96 -15.99
N GLN E 147 3.03 -51.15 -15.78
CA GLN E 147 1.93 -51.35 -14.85
C GLN E 147 2.11 -52.68 -14.13
N TRP E 148 1.30 -52.89 -13.10
CA TRP E 148 1.35 -54.08 -12.28
C TRP E 148 0.02 -54.81 -12.31
N LYS E 149 0.09 -56.14 -12.26
CA LYS E 149 -1.09 -56.98 -12.13
C LYS E 149 -0.83 -58.05 -11.08
N VAL E 150 -1.85 -58.33 -10.27
CA VAL E 150 -1.78 -59.34 -9.23
C VAL E 150 -2.95 -60.29 -9.42
N ASP E 151 -2.66 -61.58 -9.58
CA ASP E 151 -3.67 -62.61 -9.80
C ASP E 151 -4.56 -62.26 -11.00
N ASN E 152 -3.93 -61.78 -12.07
CA ASN E 152 -4.63 -61.37 -13.29
C ASN E 152 -5.70 -60.31 -12.99
N ALA E 153 -5.37 -59.40 -12.07
CA ALA E 153 -6.27 -58.31 -11.71
C ALA E 153 -5.49 -57.00 -11.73
N LEU E 154 -6.20 -55.93 -12.05
CA LEU E 154 -5.60 -54.61 -12.20
C LEU E 154 -5.84 -53.76 -10.96
N GLN E 155 -4.79 -53.11 -10.49
CA GLN E 155 -4.86 -52.20 -9.35
C GLN E 155 -4.30 -50.84 -9.74
N SER E 156 -4.82 -49.80 -9.09
CA SER E 156 -4.44 -48.43 -9.41
C SER E 156 -4.28 -47.63 -8.13
N GLY E 157 -3.56 -46.52 -8.24
CA GLY E 157 -3.35 -45.63 -7.11
C GLY E 157 -2.49 -46.22 -6.00
N ASN E 158 -1.47 -47.01 -6.35
CA ASN E 158 -0.59 -47.59 -5.36
C ASN E 158 0.89 -47.54 -5.74
N SER E 159 1.24 -46.96 -6.89
CA SER E 159 2.61 -46.97 -7.38
C SER E 159 3.17 -45.56 -7.39
N GLN E 160 4.35 -45.39 -6.80
CA GLN E 160 5.09 -44.15 -6.82
C GLN E 160 6.45 -44.39 -7.47
N GLU E 161 6.77 -43.60 -8.48
CA GLU E 161 7.98 -43.79 -9.27
C GLU E 161 8.69 -42.46 -9.48
N SER E 162 10.02 -42.51 -9.50
CA SER E 162 10.86 -41.36 -9.79
C SER E 162 11.83 -41.72 -10.90
N VAL E 163 12.19 -40.73 -11.70
CA VAL E 163 13.06 -40.93 -12.84
C VAL E 163 14.47 -40.47 -12.49
N THR E 164 15.44 -40.87 -13.30
CA THR E 164 16.84 -40.51 -13.11
C THR E 164 17.28 -39.52 -14.18
N GLU E 165 18.51 -39.05 -14.06
CA GLU E 165 19.08 -38.09 -14.99
C GLU E 165 19.80 -38.82 -16.12
N GLN E 166 20.53 -38.08 -16.94
CA GLN E 166 21.24 -38.63 -18.08
C GLN E 166 22.75 -38.59 -17.83
N ASP E 167 23.42 -39.68 -18.16
CA ASP E 167 24.87 -39.76 -18.00
C ASP E 167 25.57 -38.94 -19.08
N SER E 168 26.83 -38.63 -18.83
CA SER E 168 27.65 -37.84 -19.75
C SER E 168 28.31 -38.69 -20.83
N LYS E 169 28.12 -40.00 -20.81
CA LYS E 169 28.74 -40.90 -21.77
C LYS E 169 27.75 -41.40 -22.82
N ASP E 170 26.63 -41.98 -22.41
CA ASP E 170 25.65 -42.51 -23.33
C ASP E 170 24.23 -42.03 -23.09
N SER E 171 23.97 -41.30 -22.00
CA SER E 171 22.64 -40.80 -21.66
C SER E 171 21.62 -41.94 -21.58
N THR E 172 21.89 -42.86 -20.66
CA THR E 172 21.07 -44.05 -20.46
C THR E 172 20.10 -43.81 -19.31
N TYR E 173 18.83 -44.14 -19.53
CA TYR E 173 17.78 -43.99 -18.54
C TYR E 173 17.52 -45.31 -17.83
N SER E 174 17.17 -45.22 -16.55
CA SER E 174 16.88 -46.40 -15.74
C SER E 174 15.62 -46.15 -14.92
N LEU E 175 14.92 -47.24 -14.60
CA LEU E 175 13.71 -47.19 -13.80
C LEU E 175 13.65 -48.41 -12.90
N SER E 176 12.96 -48.27 -11.76
CA SER E 176 12.81 -49.35 -10.80
C SER E 176 11.46 -49.18 -10.10
N SER E 177 10.46 -49.90 -10.56
CA SER E 177 9.13 -49.81 -9.96
C SER E 177 9.09 -50.54 -8.63
N THR E 178 8.73 -49.82 -7.57
CA THR E 178 8.67 -50.40 -6.23
C THR E 178 7.37 -49.97 -5.58
N LEU E 179 6.62 -50.95 -5.06
CA LEU E 179 5.35 -50.69 -4.40
C LEU E 179 5.38 -51.35 -3.02
N THR E 180 5.07 -50.59 -1.99
CA THR E 180 4.97 -51.15 -0.65
C THR E 180 3.62 -51.85 -0.49
N LEU E 181 3.65 -53.09 -0.01
CA LEU E 181 2.47 -53.93 0.08
C LEU E 181 2.34 -54.47 1.49
N SER E 182 1.09 -54.65 1.92
CA SER E 182 0.79 -55.13 3.26
C SER E 182 1.00 -56.65 3.35
N LYS E 183 1.26 -57.11 4.57
CA LYS E 183 1.47 -58.54 4.78
C LYS E 183 0.18 -59.32 4.56
N ALA E 184 -0.94 -58.79 5.05
CA ALA E 184 -2.22 -59.51 4.94
C ALA E 184 -2.60 -59.72 3.47
N ASP E 185 -2.44 -58.68 2.65
CA ASP E 185 -2.69 -58.84 1.22
C ASP E 185 -1.65 -59.72 0.55
N TYR E 186 -0.41 -59.72 1.06
CA TYR E 186 0.63 -60.56 0.48
C TYR E 186 0.33 -62.05 0.71
N GLU E 187 -0.26 -62.38 1.86
CA GLU E 187 -0.50 -63.78 2.18
C GLU E 187 -1.57 -64.40 1.29
N LYS E 188 -2.63 -63.66 0.98
CA LYS E 188 -3.79 -64.22 0.29
C LYS E 188 -3.71 -64.14 -1.23
N HIS E 189 -2.60 -63.66 -1.78
CA HIS E 189 -2.46 -63.54 -3.23
C HIS E 189 -1.44 -64.55 -3.74
N LYS E 190 -1.65 -64.98 -5.00
CA LYS E 190 -0.89 -66.06 -5.60
C LYS E 190 0.20 -65.58 -6.57
N VAL E 191 -0.20 -64.83 -7.60
CA VAL E 191 0.69 -64.51 -8.73
C VAL E 191 0.98 -63.02 -8.74
N TYR E 192 2.27 -62.68 -8.76
CA TYR E 192 2.74 -61.30 -8.90
C TYR E 192 3.55 -61.18 -10.19
N ALA E 193 3.28 -60.14 -10.97
CA ALA E 193 4.01 -59.93 -12.21
C ALA E 193 3.98 -58.45 -12.57
N CYS E 194 4.92 -58.06 -13.42
CA CYS E 194 5.01 -56.70 -13.93
C CYS E 194 5.22 -56.74 -15.44
N GLU E 195 4.58 -55.82 -16.15
CA GLU E 195 4.59 -55.79 -17.61
C GLU E 195 5.13 -54.47 -18.10
N VAL E 196 5.95 -54.53 -19.16
CA VAL E 196 6.53 -53.34 -19.78
C VAL E 196 6.36 -53.45 -21.29
N THR E 197 6.12 -52.31 -21.94
CA THR E 197 6.01 -52.24 -23.39
C THR E 197 6.84 -51.07 -23.90
N HIS E 198 7.40 -51.24 -25.09
CA HIS E 198 8.25 -50.22 -25.68
C HIS E 198 8.34 -50.45 -27.19
N GLN E 199 8.92 -49.47 -27.88
CA GLN E 199 9.09 -49.58 -29.32
C GLN E 199 10.08 -50.68 -29.70
N GLY E 200 11.00 -51.01 -28.79
CA GLY E 200 12.01 -52.02 -29.07
C GLY E 200 11.50 -53.45 -29.02
N LEU E 201 10.26 -53.66 -28.59
CA LEU E 201 9.67 -54.98 -28.51
C LEU E 201 8.43 -55.05 -29.38
N SER E 202 8.27 -56.16 -30.09
CA SER E 202 7.12 -56.37 -30.97
C SER E 202 5.94 -57.02 -30.27
N SER E 203 6.11 -57.47 -29.02
CA SER E 203 5.03 -58.10 -28.28
C SER E 203 5.29 -57.93 -26.80
N PRO E 204 4.26 -57.68 -25.99
CA PRO E 204 4.49 -57.52 -24.55
C PRO E 204 5.08 -58.76 -23.92
N VAL E 205 5.98 -58.56 -22.95
CA VAL E 205 6.64 -59.66 -22.26
C VAL E 205 6.48 -59.45 -20.75
N THR E 206 6.22 -60.53 -20.04
CA THR E 206 6.03 -60.50 -18.59
C THR E 206 6.84 -61.61 -17.94
N LYS E 207 7.21 -61.38 -16.68
CA LYS E 207 7.96 -62.34 -15.89
C LYS E 207 7.20 -62.65 -14.61
N SER E 208 7.16 -63.93 -14.24
CA SER E 208 6.47 -64.38 -13.05
C SER E 208 7.40 -65.23 -12.20
N PHE E 209 7.15 -65.24 -10.90
CA PHE E 209 7.94 -66.00 -9.95
C PHE E 209 7.02 -66.76 -9.00
N ASN E 210 7.53 -67.86 -8.46
CA ASN E 210 6.79 -68.69 -7.52
C ASN E 210 7.00 -68.18 -6.11
N ARG E 211 5.92 -68.07 -5.35
CA ARG E 211 6.01 -67.58 -3.98
C ARG E 211 6.33 -68.71 -3.02
N THR F 1 20.47 64.77 -2.57
CA THR F 1 20.15 65.91 -3.42
C THR F 1 21.36 66.34 -4.24
N GLN F 2 22.49 65.65 -4.04
CA GLN F 2 23.71 65.95 -4.76
C GLN F 2 23.60 65.44 -6.19
N SER F 3 23.84 66.32 -7.16
CA SER F 3 23.74 65.97 -8.58
C SER F 3 25.14 65.60 -9.08
N PHE F 4 25.38 64.30 -9.26
CA PHE F 4 26.66 63.84 -9.76
C PHE F 4 26.52 62.72 -10.79
N PHE F 5 25.31 62.37 -11.20
CA PHE F 5 25.07 61.29 -12.14
C PHE F 5 24.55 61.76 -13.50
N MET F 6 24.19 63.04 -13.63
CA MET F 6 23.65 63.52 -14.89
C MET F 6 24.69 63.45 -16.01
N ARG F 7 25.93 63.83 -15.72
CA ARG F 7 26.96 63.84 -16.74
C ARG F 7 27.42 62.44 -17.13
N GLU F 8 27.24 61.45 -16.26
CA GLU F 8 27.61 60.07 -16.55
C GLU F 8 26.36 59.20 -16.74
N SER F 9 25.34 59.74 -17.40
CA SER F 9 24.06 59.06 -17.56
C SER F 9 24.03 58.11 -18.76
N LYS F 10 25.14 57.98 -19.49
CA LYS F 10 25.16 57.09 -20.64
C LYS F 10 24.93 55.64 -20.23
N THR F 11 25.58 55.19 -19.16
CA THR F 11 25.45 53.80 -18.73
C THR F 11 24.13 53.54 -18.01
N LEU F 12 23.57 54.55 -17.34
CA LEU F 12 22.35 54.34 -16.57
C LEU F 12 21.21 53.87 -17.45
N GLY F 13 21.03 54.49 -18.61
CA GLY F 13 20.07 54.00 -19.58
C GLY F 13 20.56 52.85 -20.43
N ALA F 14 21.87 52.62 -20.45
CA ALA F 14 22.43 51.54 -21.25
C ALA F 14 22.20 50.18 -20.60
N VAL F 15 22.25 50.11 -19.26
CA VAL F 15 22.05 48.84 -18.58
C VAL F 15 20.58 48.41 -18.57
N GLN F 16 19.65 49.37 -18.73
CA GLN F 16 18.24 49.07 -18.56
C GLN F 16 17.72 48.08 -19.59
N ILE F 17 18.25 48.10 -20.81
CA ILE F 17 17.78 47.18 -21.84
C ILE F 17 18.05 45.73 -21.42
N MET F 18 19.25 45.46 -20.93
CA MET F 18 19.54 44.10 -20.50
C MET F 18 18.94 43.79 -19.13
N ASN F 19 18.65 44.81 -18.32
CA ASN F 19 17.84 44.57 -17.12
C ASN F 19 16.46 44.05 -17.51
N GLY F 20 15.83 44.67 -18.51
CA GLY F 20 14.56 44.17 -19.00
C GLY F 20 14.68 42.80 -19.62
N LEU F 21 15.79 42.55 -20.32
CA LEU F 21 16.03 41.22 -20.88
C LEU F 21 16.12 40.17 -19.77
N PHE F 22 16.84 40.48 -18.69
CA PHE F 22 16.92 39.57 -17.56
C PHE F 22 15.55 39.36 -16.92
N HIS F 23 14.77 40.44 -16.77
CA HIS F 23 13.45 40.32 -16.16
C HIS F 23 12.54 39.40 -16.99
N ILE F 24 12.51 39.61 -18.31
CA ILE F 24 11.66 38.79 -19.15
C ILE F 24 12.18 37.35 -19.21
N ALA F 25 13.49 37.16 -19.17
CA ALA F 25 14.05 35.81 -19.14
C ALA F 25 13.65 35.08 -17.86
N LEU F 26 13.70 35.77 -16.72
CA LEU F 26 13.27 35.16 -15.47
C LEU F 26 11.77 34.85 -15.50
N GLY F 27 10.97 35.76 -16.04
CA GLY F 27 9.54 35.51 -16.15
C GLY F 27 9.23 34.30 -17.01
N GLY F 28 9.96 34.16 -18.13
CA GLY F 28 9.78 32.97 -18.96
C GLY F 28 10.24 31.70 -18.27
N LEU F 29 11.36 31.77 -17.56
CA LEU F 29 11.86 30.61 -16.84
C LEU F 29 10.92 30.19 -15.72
N LEU F 30 10.11 31.13 -15.21
CA LEU F 30 9.17 30.80 -14.15
C LEU F 30 7.89 30.14 -14.68
N MET F 31 7.78 29.95 -15.99
CA MET F 31 6.56 29.43 -16.62
C MET F 31 6.65 27.92 -16.84
N ILE F 32 7.38 27.22 -15.97
CA ILE F 32 7.50 25.77 -16.02
C ILE F 32 6.22 25.15 -15.47
N PRO F 33 5.72 24.06 -16.04
CA PRO F 33 4.51 23.42 -15.48
C PRO F 33 4.74 22.96 -14.05
N ALA F 34 3.94 23.50 -13.14
CA ALA F 34 4.08 23.24 -11.71
C ALA F 34 2.90 22.45 -11.14
N GLY F 35 1.67 22.93 -11.36
CA GLY F 35 0.51 22.24 -10.82
C GLY F 35 -0.82 22.83 -11.26
N ILE F 36 -1.77 22.87 -10.34
CA ILE F 36 -3.13 23.33 -10.64
C ILE F 36 -3.23 24.83 -10.41
N TYR F 37 -2.96 25.27 -9.18
CA TYR F 37 -3.13 26.66 -8.79
C TYR F 37 -1.81 27.40 -9.05
N ALA F 38 -1.76 28.15 -10.15
CA ALA F 38 -0.57 28.91 -10.48
C ALA F 38 -0.46 30.14 -9.57
N PRO F 39 0.76 30.65 -9.36
CA PRO F 39 0.92 31.86 -8.53
C PRO F 39 0.33 33.11 -9.17
N ILE F 40 0.44 34.24 -8.47
CA ILE F 40 -0.12 35.50 -8.97
C ILE F 40 0.64 36.00 -10.19
N CYS F 41 1.86 35.52 -10.43
CA CYS F 41 2.65 35.99 -11.56
C CYS F 41 2.07 35.54 -12.90
N VAL F 42 1.11 34.64 -12.89
CA VAL F 42 0.54 34.09 -14.12
C VAL F 42 -0.71 34.84 -14.56
N THR F 43 -1.63 35.10 -13.64
CA THR F 43 -2.92 35.67 -13.99
C THR F 43 -2.84 37.13 -14.41
N VAL F 44 -1.72 37.80 -14.14
CA VAL F 44 -1.57 39.22 -14.47
C VAL F 44 -0.65 39.45 -15.65
N TRP F 45 0.18 38.47 -16.03
CA TRP F 45 1.12 38.60 -17.16
C TRP F 45 2.07 39.78 -16.97
N TYR F 46 2.37 40.11 -15.72
CA TYR F 46 3.24 41.25 -15.43
C TYR F 46 4.62 41.16 -16.08
N PRO F 47 5.33 40.03 -16.06
CA PRO F 47 6.70 40.02 -16.63
C PRO F 47 6.75 40.42 -18.10
N LEU F 48 5.74 40.04 -18.89
CA LEU F 48 5.79 40.32 -20.33
C LEU F 48 5.85 41.82 -20.60
N TRP F 49 4.80 42.55 -20.24
CA TRP F 49 4.80 43.98 -20.50
C TRP F 49 5.79 44.73 -19.62
N GLY F 50 6.16 44.18 -18.46
CA GLY F 50 7.21 44.80 -17.68
C GLY F 50 8.54 44.79 -18.40
N GLY F 51 8.92 43.64 -18.96
CA GLY F 51 10.15 43.56 -19.72
C GLY F 51 10.09 44.38 -21.00
N ILE F 52 8.94 44.39 -21.66
CA ILE F 52 8.79 45.24 -22.84
C ILE F 52 8.98 46.70 -22.48
N MET F 53 8.39 47.12 -21.37
CA MET F 53 8.49 48.50 -20.93
C MET F 53 9.94 48.84 -20.60
N TYR F 54 10.63 47.93 -19.92
CA TYR F 54 12.02 48.17 -19.53
C TYR F 54 12.92 48.27 -20.75
N ILE F 55 12.74 47.38 -21.72
CA ILE F 55 13.61 47.42 -22.90
C ILE F 55 13.33 48.66 -23.74
N ILE F 56 12.07 49.08 -23.82
CA ILE F 56 11.77 50.32 -24.53
C ILE F 56 12.40 51.51 -23.81
N SER F 57 12.35 51.51 -22.48
CA SER F 57 12.99 52.59 -21.72
C SER F 57 14.50 52.60 -21.94
N GLY F 58 15.12 51.42 -21.99
CA GLY F 58 16.54 51.36 -22.26
C GLY F 58 16.90 51.84 -23.65
N SER F 59 16.09 51.47 -24.65
CA SER F 59 16.34 51.89 -26.02
C SER F 59 16.03 53.37 -26.24
N LEU F 60 15.23 53.98 -25.36
CA LEU F 60 14.92 55.40 -25.51
C LEU F 60 16.16 56.27 -25.44
N LEU F 61 17.17 55.86 -24.67
CA LEU F 61 18.40 56.63 -24.51
C LEU F 61 19.46 56.28 -25.56
N ALA F 62 19.04 55.80 -26.73
CA ALA F 62 19.99 55.49 -27.79
C ALA F 62 20.72 56.73 -28.28
N ALA F 63 19.99 57.85 -28.42
CA ALA F 63 20.54 59.11 -28.89
C ALA F 63 20.29 60.17 -27.83
N THR F 64 21.24 60.32 -26.91
CA THR F 64 21.11 61.33 -25.86
C THR F 64 21.14 62.74 -26.43
N GLU F 65 21.96 62.97 -27.45
CA GLU F 65 22.06 64.29 -28.05
C GLU F 65 20.77 64.65 -28.78
N LYS F 66 20.54 65.96 -28.90
CA LYS F 66 19.32 66.45 -29.54
C LYS F 66 19.35 66.16 -31.04
N ASN F 67 18.40 65.34 -31.50
CA ASN F 67 18.29 65.00 -32.91
C ASN F 67 16.99 65.49 -33.52
N SER F 68 15.85 65.16 -32.90
CA SER F 68 14.54 65.57 -33.38
C SER F 68 13.79 66.26 -32.24
N ARG F 69 12.54 66.64 -32.52
CA ARG F 69 11.71 67.35 -31.56
C ARG F 69 10.38 66.62 -31.38
N LYS F 70 9.81 66.78 -30.20
CA LYS F 70 8.50 66.25 -29.79
C LYS F 70 8.47 64.73 -29.69
N CYS F 71 9.59 64.05 -29.92
CA CYS F 71 9.64 62.60 -29.79
C CYS F 71 10.75 62.12 -28.87
N LEU F 72 11.91 62.79 -28.89
CA LEU F 72 13.03 62.46 -28.02
C LEU F 72 13.21 63.45 -26.88
N VAL F 73 12.33 64.44 -26.76
CA VAL F 73 12.47 65.48 -25.74
C VAL F 73 11.21 65.53 -24.88
N LYS F 74 10.09 65.09 -25.45
CA LYS F 74 8.82 65.12 -24.73
C LYS F 74 8.46 63.78 -24.10
N GLY F 75 8.81 62.67 -24.74
CA GLY F 75 8.51 61.36 -24.20
C GLY F 75 9.34 60.97 -22.99
N LYS F 76 10.44 61.69 -22.74
CA LYS F 76 11.33 61.36 -21.63
C LYS F 76 10.64 61.45 -20.29
N MET F 77 9.57 62.24 -20.17
CA MET F 77 8.87 62.38 -18.90
C MET F 77 7.77 61.34 -18.74
N ILE F 78 6.93 61.16 -19.76
CA ILE F 78 5.88 60.16 -19.69
C ILE F 78 6.48 58.77 -19.51
N MET F 79 7.58 58.50 -20.22
CA MET F 79 8.18 57.17 -20.18
C MET F 79 8.74 56.86 -18.79
N ASN F 80 9.42 57.83 -18.17
CA ASN F 80 9.97 57.58 -16.84
C ASN F 80 8.87 57.50 -15.79
N SER F 81 7.82 58.31 -15.94
CA SER F 81 6.70 58.23 -14.99
C SER F 81 6.01 56.86 -15.07
N LEU F 82 5.75 56.38 -16.29
CA LEU F 82 5.14 55.07 -16.42
C LEU F 82 6.07 53.95 -15.99
N SER F 83 7.39 54.11 -16.18
CA SER F 83 8.33 53.13 -15.66
C SER F 83 8.29 53.07 -14.14
N LEU F 84 8.21 54.24 -13.49
CA LEU F 84 8.11 54.27 -12.03
C LEU F 84 6.80 53.64 -11.56
N PHE F 85 5.71 53.88 -12.29
CA PHE F 85 4.43 53.25 -11.94
C PHE F 85 4.51 51.73 -12.09
N ALA F 86 5.14 51.26 -13.16
CA ALA F 86 5.33 49.82 -13.33
C ALA F 86 6.18 49.26 -12.19
N ALA F 87 7.20 50.00 -11.76
CA ALA F 87 8.02 49.57 -10.65
C ALA F 87 7.22 49.46 -9.35
N ILE F 88 6.38 50.47 -9.07
CA ILE F 88 5.63 50.42 -7.82
C ILE F 88 4.60 49.28 -7.85
N SER F 89 3.99 49.03 -9.02
CA SER F 89 3.17 47.83 -9.15
C SER F 89 4.00 46.58 -8.92
N GLY F 90 5.24 46.58 -9.39
CA GLY F 90 6.12 45.45 -9.16
C GLY F 90 6.33 45.17 -7.68
N MET F 91 6.62 46.22 -6.90
CA MET F 91 6.77 45.99 -5.46
C MET F 91 5.46 45.54 -4.82
N ILE F 92 4.32 46.07 -5.27
CA ILE F 92 3.05 45.66 -4.66
C ILE F 92 2.83 44.16 -4.87
N LEU F 93 2.97 43.69 -6.12
CA LEU F 93 2.81 42.26 -6.39
C LEU F 93 3.87 41.43 -5.67
N SER F 94 5.11 41.91 -5.64
CA SER F 94 6.19 41.14 -5.01
C SER F 94 5.97 40.99 -3.51
N ILE F 95 5.58 42.07 -2.84
CA ILE F 95 5.34 41.97 -1.41
C ILE F 95 4.11 41.10 -1.14
N MET F 96 3.09 41.19 -2.01
CA MET F 96 1.90 40.36 -1.79
C MET F 96 2.23 38.88 -1.94
N ASP F 97 2.96 38.49 -2.98
CA ASP F 97 3.22 37.08 -3.18
C ASP F 97 4.41 36.58 -2.36
N ILE F 98 5.15 37.47 -1.69
CA ILE F 98 6.10 37.02 -0.68
C ILE F 98 5.44 36.88 0.70
N LEU F 99 4.36 37.62 0.95
CA LEU F 99 3.67 37.45 2.23
C LEU F 99 2.61 36.36 2.19
N ASN F 100 2.08 36.03 1.02
CA ASN F 100 0.99 35.04 0.97
C ASN F 100 1.48 33.60 0.97
N ILE F 101 2.78 33.36 0.88
CA ILE F 101 3.25 31.99 0.74
C ILE F 101 3.36 31.28 2.09
N LYS F 102 3.78 31.97 3.14
CA LYS F 102 3.97 31.37 4.45
C LYS F 102 2.69 31.34 5.27
N ILE F 103 1.60 31.90 4.76
CA ILE F 103 0.32 31.92 5.44
C ILE F 103 -0.66 31.09 4.61
N SER F 104 -1.84 30.84 5.17
CA SER F 104 -2.85 29.98 4.55
C SER F 104 -3.36 30.56 3.23
N HIS F 105 -4.24 29.81 2.58
CA HIS F 105 -4.77 30.21 1.27
C HIS F 105 -5.48 31.54 1.34
N PHE F 106 -5.18 32.44 0.40
CA PHE F 106 -5.82 33.74 0.31
C PHE F 106 -6.74 33.87 -0.90
N LEU F 107 -6.22 33.63 -2.10
CA LEU F 107 -6.98 33.77 -3.33
C LEU F 107 -6.74 32.54 -4.21
N LYS F 108 -7.37 32.54 -5.39
CA LYS F 108 -7.49 31.33 -6.19
C LYS F 108 -6.42 31.20 -7.28
N MET F 109 -6.38 32.15 -8.23
CA MET F 109 -5.43 32.14 -9.35
C MET F 109 -5.36 30.78 -10.05
N GLU F 110 -6.46 30.43 -10.70
CA GLU F 110 -6.49 29.21 -11.50
C GLU F 110 -5.58 29.35 -12.72
N SER F 111 -4.85 28.28 -13.02
CA SER F 111 -3.99 28.26 -14.19
C SER F 111 -4.79 27.92 -15.43
N LEU F 112 -4.20 28.21 -16.59
CA LEU F 112 -4.85 27.92 -17.86
C LEU F 112 -4.83 26.41 -18.15
N ASN F 113 -5.77 25.97 -18.98
CA ASN F 113 -6.02 24.55 -19.15
C ASN F 113 -4.92 23.84 -19.94
N PHE F 114 -4.23 24.56 -20.82
CA PHE F 114 -3.23 23.91 -21.68
C PHE F 114 -2.09 23.32 -20.84
N ILE F 115 -1.63 24.04 -19.83
CA ILE F 115 -0.59 23.52 -18.95
C ILE F 115 -1.18 22.73 -17.78
N ARG F 116 -2.43 23.00 -17.41
CA ARG F 116 -3.03 22.29 -16.28
C ARG F 116 -3.17 20.79 -16.56
N ALA F 117 -3.52 20.43 -17.80
CA ALA F 117 -3.70 19.03 -18.14
C ALA F 117 -2.41 18.22 -18.04
N HIS F 118 -1.25 18.87 -18.10
CA HIS F 118 0.00 18.14 -18.02
C HIS F 118 0.22 17.56 -16.63
N THR F 119 -0.05 18.34 -15.59
CA THR F 119 0.13 17.91 -14.20
C THR F 119 -1.15 18.23 -13.42
N PRO F 120 -2.21 17.46 -13.64
CA PRO F 120 -3.50 17.75 -12.98
C PRO F 120 -3.77 16.95 -11.70
N TYR F 121 -2.81 16.21 -11.18
CA TYR F 121 -3.03 15.37 -10.01
C TYR F 121 -2.10 15.76 -8.86
N ILE F 122 -1.90 17.06 -8.65
CA ILE F 122 -1.08 17.53 -7.53
C ILE F 122 -1.37 19.01 -7.29
N ASN F 123 -1.05 19.48 -6.09
CA ASN F 123 -1.20 20.87 -5.70
C ASN F 123 0.13 21.41 -5.19
N ILE F 124 0.35 22.71 -5.39
CA ILE F 124 1.60 23.33 -5.03
C ILE F 124 1.50 24.17 -3.76
N TYR F 125 0.33 24.72 -3.44
CA TYR F 125 0.22 25.59 -2.27
C TYR F 125 0.40 24.81 -0.97
N ASN F 126 -0.30 23.68 -0.83
CA ASN F 126 -0.21 22.89 0.38
C ASN F 126 -0.14 21.41 0.03
N CYS F 127 0.69 20.67 0.77
CA CYS F 127 0.85 19.23 0.61
C CYS F 127 1.10 18.66 2.01
N GLU F 128 0.08 18.04 2.57
CA GLU F 128 0.27 17.43 3.87
C GLU F 128 0.08 15.92 3.77
N PRO F 129 0.91 15.12 4.45
CA PRO F 129 0.77 13.67 4.36
C PRO F 129 -0.53 13.13 4.95
N ALA F 130 -1.29 13.97 5.65
CA ALA F 130 -2.59 13.60 6.21
C ALA F 130 -2.47 12.44 7.18
N ASN F 131 -1.26 12.22 7.71
CA ASN F 131 -0.99 11.16 8.66
C ASN F 131 0.15 11.61 9.57
N PRO F 132 -0.04 11.53 10.89
CA PRO F 132 1.04 11.93 11.80
C PRO F 132 2.31 11.12 11.64
N SER F 133 2.19 9.84 11.28
CA SER F 133 3.35 8.98 11.08
C SER F 133 3.91 9.21 9.67
N GLU F 134 4.83 8.34 9.25
CA GLU F 134 5.47 8.36 7.94
C GLU F 134 5.91 9.78 7.53
N LYS F 135 6.39 10.54 8.52
CA LYS F 135 6.87 11.89 8.25
C LYS F 135 8.09 11.88 7.34
N ASN F 136 8.94 10.86 7.46
CA ASN F 136 10.13 10.72 6.62
C ASN F 136 9.77 10.07 5.28
N SER F 137 8.89 10.74 4.55
CA SER F 137 8.42 10.28 3.25
C SER F 137 9.01 11.14 2.13
N PRO F 138 9.27 10.55 0.97
CA PRO F 138 9.83 11.34 -0.15
C PRO F 138 8.91 12.46 -0.61
N SER F 139 7.59 12.30 -0.46
CA SER F 139 6.66 13.32 -0.94
C SER F 139 6.85 14.63 -0.19
N THR F 140 6.88 14.58 1.14
CA THR F 140 7.05 15.80 1.92
C THR F 140 8.43 16.41 1.71
N GLN F 141 9.45 15.57 1.60
CA GLN F 141 10.80 16.06 1.34
C GLN F 141 10.87 16.82 0.02
N TYR F 142 10.26 16.25 -1.02
CA TYR F 142 10.27 16.90 -2.33
C TYR F 142 9.44 18.18 -2.30
N CYS F 143 8.31 18.18 -1.58
CA CYS F 143 7.57 19.41 -1.37
C CYS F 143 8.45 20.49 -0.75
N TYR F 144 9.16 20.14 0.31
CA TYR F 144 9.99 21.15 0.98
C TYR F 144 11.08 21.66 0.05
N SER F 145 11.68 20.76 -0.73
CA SER F 145 12.70 21.18 -1.69
C SER F 145 12.13 22.16 -2.72
N ILE F 146 11.00 21.81 -3.32
CA ILE F 146 10.45 22.68 -4.38
C ILE F 146 9.94 23.99 -3.79
N GLN F 147 9.37 23.96 -2.57
CA GLN F 147 8.93 25.19 -1.93
C GLN F 147 10.11 26.10 -1.63
N SER F 148 11.22 25.53 -1.15
CA SER F 148 12.42 26.33 -0.92
C SER F 148 12.94 26.92 -2.23
N LEU F 149 12.91 26.14 -3.30
CA LEU F 149 13.36 26.63 -4.60
C LEU F 149 12.51 27.79 -5.09
N PHE F 150 11.18 27.66 -4.96
CA PHE F 150 10.28 28.73 -5.37
C PHE F 150 10.50 29.98 -4.51
N LEU F 151 10.66 29.79 -3.20
CA LEU F 151 10.92 30.92 -2.32
C LEU F 151 12.22 31.61 -2.70
N GLY F 152 13.26 30.83 -3.04
CA GLY F 152 14.52 31.43 -3.43
C GLY F 152 14.41 32.24 -4.71
N ILE F 153 13.75 31.67 -5.72
CA ILE F 153 13.63 32.41 -6.99
C ILE F 153 12.78 33.66 -6.80
N LEU F 154 11.75 33.58 -5.94
CA LEU F 154 10.94 34.76 -5.67
C LEU F 154 11.73 35.84 -4.94
N SER F 155 12.59 35.43 -3.99
CA SER F 155 13.43 36.39 -3.29
C SER F 155 14.43 37.05 -4.24
N VAL F 156 15.01 36.26 -5.15
CA VAL F 156 15.91 36.82 -6.15
C VAL F 156 15.19 37.85 -7.01
N MET F 157 13.99 37.52 -7.48
CA MET F 157 13.21 38.47 -8.26
C MET F 157 12.91 39.72 -7.46
N LEU F 158 12.57 39.55 -6.18
CA LEU F 158 12.32 40.69 -5.30
C LEU F 158 13.53 41.62 -5.22
N ILE F 159 14.71 41.05 -4.97
CA ILE F 159 15.91 41.88 -4.78
C ILE F 159 16.24 42.64 -6.05
N PHE F 160 16.24 41.95 -7.20
CA PHE F 160 16.61 42.67 -8.42
C PHE F 160 15.52 43.65 -8.87
N ALA F 161 14.25 43.35 -8.62
CA ALA F 161 13.20 44.32 -8.91
C ALA F 161 13.35 45.56 -8.03
N PHE F 162 13.71 45.37 -6.76
CA PHE F 162 13.92 46.51 -5.87
C PHE F 162 15.09 47.36 -6.34
N PHE F 163 16.18 46.72 -6.77
CA PHE F 163 17.32 47.48 -7.30
C PHE F 163 16.93 48.26 -8.56
N GLN F 164 16.17 47.61 -9.45
CA GLN F 164 15.72 48.30 -10.66
C GLN F 164 14.85 49.50 -10.32
N GLU F 165 13.95 49.34 -9.34
CA GLU F 165 13.13 50.47 -8.94
C GLU F 165 13.98 51.58 -8.32
N LEU F 166 15.01 51.22 -7.54
CA LEU F 166 15.86 52.24 -6.95
C LEU F 166 16.56 53.06 -8.03
N VAL F 167 17.11 52.39 -9.04
CA VAL F 167 17.80 53.13 -10.10
C VAL F 167 16.81 53.95 -10.92
N ILE F 168 15.60 53.41 -11.16
CA ILE F 168 14.59 54.16 -11.89
C ILE F 168 14.16 55.41 -11.11
N ALA F 169 13.99 55.27 -9.79
CA ALA F 169 13.62 56.41 -8.96
C ALA F 169 14.73 57.46 -8.97
N GLY F 170 15.99 57.02 -8.91
CA GLY F 170 17.08 57.97 -9.02
C GLY F 170 17.08 58.72 -10.34
N ILE F 171 16.88 57.99 -11.45
CA ILE F 171 16.92 58.63 -12.76
C ILE F 171 15.71 59.54 -12.97
N VAL F 172 14.58 59.24 -12.33
CA VAL F 172 13.42 60.11 -12.49
C VAL F 172 13.51 61.32 -11.56
N GLU F 173 14.18 61.18 -10.41
CA GLU F 173 14.41 62.33 -9.55
C GLU F 173 15.53 63.22 -10.09
N ASN F 174 16.37 62.69 -10.98
CA ASN F 174 17.38 63.53 -11.60
C ASN F 174 16.76 64.62 -12.47
N GLU F 175 15.68 64.29 -13.19
CA GLU F 175 15.09 65.23 -14.14
C GLU F 175 14.41 66.40 -13.42
N TRP F 176 13.60 66.11 -12.41
CA TRP F 176 12.84 67.13 -11.71
C TRP F 176 13.35 67.32 -10.29
N LYS F 177 13.33 68.58 -9.84
CA LYS F 177 13.66 68.93 -8.46
C LYS F 177 12.35 69.22 -7.73
N ARG F 178 11.92 68.28 -6.91
CA ARG F 178 10.65 68.42 -6.17
C ARG F 178 10.87 69.19 -4.87
#